data_8AX4
#
_entry.id   8AX4
#
_cell.length_a   99.870
_cell.length_b   96.920
_cell.length_c   103.520
_cell.angle_alpha   90.000
_cell.angle_beta   111.920
_cell.angle_gamma   90.000
#
_symmetry.space_group_name_H-M   'P 1 21 1'
#
loop_
_entity.id
_entity.type
_entity.pdbx_description
1 polymer 'Nucleocapsid protein'
2 non-polymer 2-AMINO-2-HYDROXYMETHYL-PROPANE-1,3-DIOL
3 water water
#
_entity_poly.entity_id   1
_entity_poly.type   'polypeptide(L)'
_entity_poly.pdbx_seq_one_letter_code
;MAPKSKTTSASSSKITPGQMQENTVLLGSGSKLKAIKLTNVVNGKLTHPETSDLKPIDVEVQAFTSASQNISNFTLHKYR
NICHVDTCAAHLSKSKENKEKLQARNLRLIVSSNEFLVVVKELNDSTVDNVVSFNKACAIMSAGVLKHTFDEEFDWKLSK
YVKTNNTTKVIPDVKIINRLAGQMGLSAGNPYYWMIVPGYEFLYELYPAEVLAYTLVRLQYRKNLNIPDSMTDADIVSSL
VMKMNRIHKLEQTSFDEALNLIGKDNVSEAYVELARDIGSTSKTKRNDEAILKFRELIASFLPALEADRIASAHV
;
_entity_poly.pdbx_strand_id   A,B,C,D
#
# COMPACT_ATOMS: atom_id res chain seq x y z
N LEU A 54 15.32 21.36 -6.91
CA LEU A 54 15.32 20.30 -5.90
C LEU A 54 15.50 20.90 -4.52
N LYS A 55 15.85 22.18 -4.47
CA LYS A 55 16.10 23.00 -3.28
C LYS A 55 16.66 22.17 -2.13
N PRO A 56 17.87 21.60 -2.28
CA PRO A 56 18.43 20.79 -1.20
C PRO A 56 18.96 21.66 -0.08
N ILE A 57 18.88 21.14 1.14
CA ILE A 57 19.52 21.78 2.27
C ILE A 57 20.96 21.28 2.35
N ASP A 58 21.87 22.19 2.70
CA ASP A 58 23.25 21.81 2.91
C ASP A 58 23.38 21.12 4.27
N VAL A 59 24.06 19.99 4.29
CA VAL A 59 24.27 19.22 5.51
C VAL A 59 25.73 19.35 5.91
N GLU A 60 25.98 20.07 7.00
CA GLU A 60 27.34 20.23 7.50
C GLU A 60 27.92 18.90 7.92
N VAL A 61 29.12 18.60 7.43
CA VAL A 61 29.82 17.40 7.86
C VAL A 61 30.14 17.52 9.34
N GLN A 62 29.76 16.50 10.12
CA GLN A 62 30.07 16.48 11.55
C GLN A 62 30.02 15.03 12.01
N ALA A 63 31.20 14.41 12.16
CA ALA A 63 31.26 12.98 12.43
C ALA A 63 30.64 12.64 13.77
N PHE A 64 30.01 11.46 13.83
CA PHE A 64 29.59 10.88 15.10
C PHE A 64 30.81 10.28 15.80
N THR A 65 31.07 10.73 17.02
CA THR A 65 32.17 10.22 17.84
C THR A 65 31.61 9.81 19.19
N SER A 66 32.50 9.34 20.07
CA SER A 66 32.10 9.10 21.45
C SER A 66 31.78 10.40 22.18
N ALA A 67 32.22 11.54 21.64
CA ALA A 67 31.89 12.84 22.22
C ALA A 67 30.48 13.28 21.90
N SER A 68 29.89 12.78 20.81
CA SER A 68 28.65 13.33 20.28
C SER A 68 27.51 13.24 21.29
N GLN A 69 27.46 12.16 22.07
CA GLN A 69 26.50 12.00 23.14
C GLN A 69 27.23 11.90 24.47
N ASN A 70 26.86 12.77 25.41
CA ASN A 70 27.36 12.69 26.77
C ASN A 70 26.18 12.45 27.71
N ILE A 71 26.29 11.41 28.53
CA ILE A 71 25.30 11.18 29.58
C ILE A 71 25.29 12.39 30.50
N SER A 72 24.17 13.10 30.54
CA SER A 72 24.03 14.23 31.44
C SER A 72 22.65 14.20 32.07
N ASN A 73 22.60 14.61 33.34
CA ASN A 73 21.35 14.57 34.09
C ASN A 73 20.36 15.56 33.50
N PHE A 74 19.16 15.07 33.21
CA PHE A 74 18.04 15.91 32.79
C PHE A 74 16.88 15.63 33.74
N THR A 75 16.37 16.68 34.38
CA THR A 75 15.23 16.55 35.28
C THR A 75 14.17 17.56 34.90
N LEU A 76 12.92 17.09 34.81
CA LEU A 76 11.81 17.98 34.54
C LEU A 76 11.56 18.96 35.68
N HIS A 77 12.17 18.73 36.85
CA HIS A 77 11.97 19.60 38.00
C HIS A 77 12.58 20.98 37.82
N LYS A 78 13.49 21.14 36.85
CA LYS A 78 14.04 22.45 36.54
C LYS A 78 13.16 23.27 35.61
N TYR A 79 12.00 22.74 35.19
CA TYR A 79 11.18 23.37 34.16
C TYR A 79 9.70 23.42 34.53
N ARG A 80 9.35 23.33 35.82
CA ARG A 80 7.96 23.05 36.16
C ARG A 80 7.03 24.25 35.95
N ASN A 81 7.55 25.47 35.89
CA ASN A 81 6.71 26.66 35.81
C ASN A 81 6.94 27.50 34.56
N ILE A 82 7.58 26.95 33.53
CA ILE A 82 7.94 27.78 32.39
C ILE A 82 6.80 27.93 31.39
N CYS A 83 5.78 27.08 31.44
CA CYS A 83 4.74 27.04 30.42
C CYS A 83 3.58 27.96 30.76
N HIS A 84 3.09 28.67 29.75
CA HIS A 84 1.71 29.13 29.71
C HIS A 84 0.91 27.99 29.08
N VAL A 85 -0.09 27.49 29.81
CA VAL A 85 -0.63 26.15 29.52
C VAL A 85 -1.14 26.06 28.09
N ASP A 86 -1.97 27.00 27.67
CA ASP A 86 -2.53 26.94 26.32
C ASP A 86 -1.45 27.13 25.26
N THR A 87 -0.37 27.84 25.58
CA THR A 87 0.71 28.03 24.61
C THR A 87 1.45 26.72 24.37
N CYS A 88 1.79 26.01 25.45
CA CYS A 88 2.52 24.75 25.30
C CYS A 88 1.64 23.68 24.68
N ALA A 89 0.36 23.65 25.03
CA ALA A 89 -0.57 22.75 24.37
C ALA A 89 -0.66 23.04 22.87
N ALA A 90 -0.53 24.31 22.49
CA ALA A 90 -0.60 24.65 21.08
C ALA A 90 0.65 24.20 20.33
N HIS A 91 1.81 24.30 20.97
CA HIS A 91 3.03 23.75 20.37
C HIS A 91 2.94 22.24 20.23
N LEU A 92 2.52 21.56 21.31
CA LEU A 92 2.36 20.11 21.27
C LEU A 92 1.36 19.69 20.20
N SER A 93 0.33 20.50 19.96
CA SER A 93 -0.65 20.19 18.93
C SER A 93 -0.05 20.25 17.52
N LYS A 94 1.12 20.88 17.36
CA LYS A 94 1.81 20.97 16.08
C LYS A 94 3.11 20.18 16.10
N SER A 95 3.14 19.07 16.86
CA SER A 95 4.36 18.30 17.01
C SER A 95 4.87 17.78 15.68
N LYS A 96 3.97 17.29 14.82
CA LYS A 96 4.39 16.77 13.53
C LYS A 96 5.06 17.84 12.69
N GLU A 97 4.50 19.05 12.68
CA GLU A 97 5.02 20.11 11.84
C GLU A 97 6.30 20.71 12.41
N ASN A 98 6.41 20.79 13.73
CA ASN A 98 7.67 21.23 14.34
C ASN A 98 8.80 20.29 13.99
N LYS A 99 8.53 18.98 14.03
CA LYS A 99 9.55 17.99 13.69
C LYS A 99 10.03 18.16 12.26
N GLU A 100 9.12 18.44 11.33
CA GLU A 100 9.53 18.65 9.94
C GLU A 100 10.39 19.89 9.81
N LYS A 101 10.01 20.98 10.50
CA LYS A 101 10.82 22.18 10.49
C LYS A 101 12.20 21.92 11.09
N LEU A 102 12.26 21.10 12.14
CA LEU A 102 13.51 20.87 12.85
C LEU A 102 14.57 20.21 11.97
N GLN A 103 14.17 19.49 10.93
CA GLN A 103 15.14 18.86 10.05
C GLN A 103 16.00 19.89 9.34
N ALA A 104 15.46 21.07 9.06
CA ALA A 104 16.17 22.12 8.34
C ALA A 104 16.82 23.15 9.25
N ARG A 105 16.13 23.58 10.31
CA ARG A 105 16.64 24.62 11.18
C ARG A 105 16.34 24.28 12.63
N ASN A 106 17.18 24.78 13.53
CA ASN A 106 16.85 24.76 14.95
C ASN A 106 15.66 25.68 15.19
N LEU A 107 14.83 25.30 16.16
CA LEU A 107 13.60 26.03 16.42
C LEU A 107 13.69 26.81 17.72
N ARG A 108 13.02 27.96 17.73
CA ARG A 108 12.79 28.70 18.95
C ARG A 108 11.31 28.70 19.27
N LEU A 109 10.94 28.05 20.37
CA LEU A 109 9.56 27.97 20.81
C LEU A 109 9.38 28.82 22.05
N ILE A 110 8.56 29.86 21.93
CA ILE A 110 8.18 30.67 23.08
C ILE A 110 7.07 29.93 23.83
N VAL A 111 7.34 29.59 25.09
CA VAL A 111 6.38 28.83 25.89
C VAL A 111 5.62 29.68 26.89
N SER A 112 6.13 30.87 27.23
CA SER A 112 5.40 31.82 28.06
C SER A 112 5.89 33.22 27.68
N SER A 113 5.30 34.23 28.32
CA SER A 113 5.81 35.58 28.12
C SER A 113 7.18 35.78 28.73
N ASN A 114 7.69 34.79 29.49
CA ASN A 114 8.96 34.91 30.18
C ASN A 114 10.02 33.92 29.70
N GLU A 115 9.65 32.89 28.94
CA GLU A 115 10.55 31.79 28.66
C GLU A 115 10.41 31.32 27.23
N PHE A 116 11.49 30.71 26.73
CA PHE A 116 11.50 30.08 25.42
C PHE A 116 12.47 28.91 25.45
N LEU A 117 12.27 27.99 24.53
CA LEU A 117 13.16 26.84 24.35
C LEU A 117 13.76 26.87 22.95
N VAL A 118 15.04 26.53 22.86
CA VAL A 118 15.70 26.32 21.58
C VAL A 118 15.76 24.81 21.35
N VAL A 119 15.10 24.35 20.29
CA VAL A 119 14.94 22.93 20.01
C VAL A 119 15.94 22.53 18.93
N VAL A 120 16.72 21.49 19.22
CA VAL A 120 17.79 21.03 18.34
C VAL A 120 17.63 19.54 18.11
N LYS A 121 18.30 19.04 17.07
CA LYS A 121 18.39 17.60 16.89
C LYS A 121 19.14 16.98 18.07
N GLU A 122 18.97 15.67 18.23
CA GLU A 122 19.41 14.99 19.44
C GLU A 122 20.89 15.20 19.71
N LEU A 123 21.71 15.07 18.68
CA LEU A 123 23.18 15.14 18.87
C LEU A 123 23.64 16.58 19.14
N ASN A 124 22.75 17.56 19.06
CA ASN A 124 23.12 18.97 19.41
C ASN A 124 22.58 19.33 20.80
N ASP A 125 22.05 18.35 21.55
CA ASP A 125 21.56 18.57 22.93
C ASP A 125 22.67 19.14 23.82
N SER A 126 22.31 20.04 24.74
CA SER A 126 23.33 20.72 25.56
C SER A 126 23.01 20.63 27.04
N THR A 127 23.93 21.07 27.89
CA THR A 127 23.66 21.14 29.35
C THR A 127 22.97 22.48 29.57
N VAL A 128 23.10 23.41 28.61
CA VAL A 128 22.39 24.71 28.70
C VAL A 128 20.90 24.40 28.89
N ASP A 129 20.30 24.91 29.95
CA ASP A 129 18.91 24.55 30.31
C ASP A 129 17.91 24.73 29.17
N ASN A 130 17.96 25.80 28.41
CA ASN A 130 16.91 26.03 27.45
C ASN A 130 17.28 25.54 26.04
N VAL A 131 18.39 24.82 25.89
CA VAL A 131 18.69 24.09 24.67
C VAL A 131 18.37 22.63 24.91
N VAL A 132 17.37 22.11 24.20
CA VAL A 132 16.84 20.77 24.46
C VAL A 132 16.57 20.06 23.15
N SER A 133 16.55 18.72 23.23
CA SER A 133 16.17 17.90 22.09
C SER A 133 14.67 18.03 21.83
N PHE A 134 14.25 17.50 20.68
CA PHE A 134 12.83 17.53 20.35
C PHE A 134 11.99 16.78 21.37
N ASN A 135 12.46 15.61 21.80
CA ASN A 135 11.71 14.82 22.77
C ASN A 135 11.68 15.49 24.13
N LYS A 136 12.79 16.10 24.54
CA LYS A 136 12.80 16.79 25.83
C LYS A 136 11.90 18.02 25.81
N ALA A 137 11.90 18.77 24.70
CA ALA A 137 11.04 19.93 24.59
C ALA A 137 9.57 19.55 24.71
N CYS A 138 9.17 18.48 24.01
CA CYS A 138 7.78 18.04 24.06
C CYS A 138 7.41 17.55 25.47
N ALA A 139 8.35 16.90 26.15
CA ALA A 139 8.09 16.43 27.51
C ALA A 139 8.00 17.60 28.49
N ILE A 140 8.83 18.62 28.30
CA ILE A 140 8.76 19.80 29.15
C ILE A 140 7.40 20.47 29.02
N MET A 141 6.95 20.65 27.77
CA MET A 141 5.66 21.28 27.54
C MET A 141 4.52 20.39 28.00
N SER A 142 4.68 19.07 27.87
CA SER A 142 3.65 18.15 28.34
C SER A 142 3.50 18.20 29.85
N ALA A 143 4.63 18.19 30.58
CA ALA A 143 4.55 18.33 32.04
C ALA A 143 3.89 19.64 32.44
N GLY A 144 4.07 20.70 31.64
CA GLY A 144 3.42 21.97 31.95
C GLY A 144 1.90 21.88 31.86
N VAL A 145 1.40 21.09 30.92
CA VAL A 145 -0.05 20.91 30.80
C VAL A 145 -0.55 19.93 31.86
N LEU A 146 0.16 18.81 32.04
CA LEU A 146 -0.30 17.77 32.95
C LEU A 146 -0.27 18.20 34.41
N LYS A 147 0.52 19.23 34.75
CA LYS A 147 0.49 19.77 36.11
C LYS A 147 -0.92 20.22 36.50
N HIS A 148 -1.77 20.50 35.52
CA HIS A 148 -3.13 20.98 35.78
C HIS A 148 -4.19 19.96 35.39
N THR A 149 -3.81 18.74 35.02
CA THR A 149 -4.76 17.68 34.73
C THR A 149 -4.55 16.43 35.57
N PHE A 150 -3.32 16.12 35.97
CA PHE A 150 -3.05 15.03 36.89
C PHE A 150 -3.04 15.58 38.32
N ASP A 151 -3.83 14.96 39.20
CA ASP A 151 -3.93 15.47 40.56
C ASP A 151 -2.70 15.13 41.39
N GLU A 152 -1.98 14.05 41.06
CA GLU A 152 -0.88 13.57 41.87
C GLU A 152 0.37 13.36 41.03
N GLU A 153 1.52 13.58 41.68
CA GLU A 153 2.84 13.37 41.02
C GLU A 153 3.69 12.54 41.99
N PHE A 154 4.84 12.03 41.52
CA PHE A 154 5.62 11.10 42.37
C PHE A 154 6.74 11.78 43.15
N ASP A 155 6.92 11.34 44.39
CA ASP A 155 8.02 11.84 45.24
C ASP A 155 8.94 10.64 45.39
N TRP A 156 10.16 10.72 44.86
CA TRP A 156 11.08 9.56 44.87
C TRP A 156 11.83 9.50 46.20
N LYS A 157 11.64 10.49 47.07
CA LYS A 157 12.26 10.44 48.40
C LYS A 157 11.26 9.78 49.34
N LEU A 158 9.97 9.86 49.02
CA LEU A 158 8.91 9.27 49.87
C LEU A 158 8.44 7.96 49.23
N SER A 159 8.95 7.66 48.04
CA SER A 159 8.58 6.42 47.31
C SER A 159 7.07 6.30 47.14
N LYS A 160 6.37 7.42 46.92
CA LYS A 160 4.90 7.39 46.69
C LYS A 160 4.43 8.62 45.93
N TYR A 161 3.17 8.61 45.51
CA TYR A 161 2.56 9.76 44.82
C TYR A 161 2.07 10.80 45.83
N VAL A 162 2.68 11.98 45.85
CA VAL A 162 2.19 13.10 46.69
C VAL A 162 1.19 13.89 45.85
N LYS A 163 0.57 14.92 46.41
CA LYS A 163 -0.45 15.68 45.65
C LYS A 163 0.22 16.85 44.92
N THR A 164 -0.26 17.14 43.71
CA THR A 164 0.29 18.29 42.96
C THR A 164 -0.39 19.54 43.52
N ASN A 165 0.39 20.44 44.09
CA ASN A 165 -0.18 21.70 44.63
C ASN A 165 -0.02 22.79 43.58
N ASN A 166 -1.11 23.44 43.22
CA ASN A 166 -1.07 24.48 42.16
C ASN A 166 -1.75 25.76 42.66
N THR A 167 -1.05 26.89 42.66
CA THR A 167 -1.61 28.20 43.01
C THR A 167 -2.86 28.50 42.20
N THR A 168 -2.78 28.28 40.89
CA THR A 168 -3.77 28.76 39.93
C THR A 168 -4.45 27.57 39.26
N LYS A 169 -5.78 27.60 39.21
CA LYS A 169 -6.57 26.53 38.61
C LYS A 169 -6.72 26.82 37.12
N VAL A 170 -6.08 26.00 36.28
CA VAL A 170 -6.08 26.19 34.84
C VAL A 170 -6.58 24.92 34.17
N ILE A 171 -7.44 25.09 33.17
CA ILE A 171 -7.91 24.01 32.31
C ILE A 171 -7.35 24.25 30.91
N PRO A 172 -6.67 23.28 30.32
CA PRO A 172 -6.23 23.43 28.93
C PRO A 172 -7.42 23.68 28.01
N ASP A 173 -7.22 24.59 27.05
CA ASP A 173 -8.27 24.90 26.08
C ASP A 173 -8.70 23.62 25.37
N VAL A 174 -9.94 23.21 25.62
CA VAL A 174 -10.46 21.94 25.11
C VAL A 174 -10.55 21.91 23.59
N LYS A 175 -10.41 23.05 22.93
CA LYS A 175 -10.51 23.07 21.47
C LYS A 175 -9.15 22.91 20.78
N ILE A 176 -8.06 22.86 21.54
CA ILE A 176 -6.78 22.44 20.99
C ILE A 176 -6.76 20.91 20.93
N ILE A 177 -6.50 20.37 19.75
CA ILE A 177 -6.65 18.93 19.50
C ILE A 177 -5.29 18.26 19.43
N ASN A 178 -5.20 17.09 20.04
CA ASN A 178 -4.03 16.21 19.96
C ASN A 178 -4.39 15.07 19.02
N ARG A 179 -3.84 15.12 17.80
CA ARG A 179 -4.20 14.14 16.78
C ARG A 179 -3.83 12.73 17.21
N LEU A 180 -2.67 12.55 17.86
CA LEU A 180 -2.25 11.21 18.24
C LEU A 180 -3.07 10.67 19.40
N ALA A 181 -3.45 11.53 20.36
CA ALA A 181 -4.39 11.09 21.39
C ALA A 181 -5.74 10.74 20.79
N GLY A 182 -6.10 11.37 19.66
CA GLY A 182 -7.37 11.09 19.03
C GLY A 182 -7.44 9.69 18.43
N GLN A 183 -6.38 9.26 17.74
CA GLN A 183 -6.36 7.93 17.15
C GLN A 183 -6.29 6.86 18.22
N MET A 184 -5.75 7.19 19.39
CA MET A 184 -5.77 6.30 20.54
C MET A 184 -7.16 6.16 21.15
N GLY A 185 -8.12 6.99 20.76
CA GLY A 185 -9.45 6.93 21.32
C GLY A 185 -9.69 7.87 22.48
N LEU A 186 -8.76 8.77 22.75
CA LEU A 186 -8.99 9.81 23.75
C LEU A 186 -9.69 11.00 23.10
N SER A 187 -10.40 11.76 23.93
CA SER A 187 -11.06 12.97 23.48
C SER A 187 -10.63 14.14 24.35
N ALA A 188 -10.60 15.33 23.74
CA ALA A 188 -10.16 16.54 24.44
C ALA A 188 -10.90 16.68 25.76
N GLY A 189 -10.16 17.07 26.80
CA GLY A 189 -10.65 17.09 28.15
C GLY A 189 -10.21 15.91 28.99
N ASN A 190 -9.87 14.79 28.36
CA ASN A 190 -9.30 13.65 29.06
C ASN A 190 -8.01 14.09 29.77
N PRO A 191 -7.82 13.73 31.04
CA PRO A 191 -6.57 14.13 31.72
C PRO A 191 -5.32 13.57 31.08
N TYR A 192 -5.41 12.44 30.36
CA TYR A 192 -4.26 11.85 29.68
C TYR A 192 -4.01 12.46 28.32
N TYR A 193 -4.86 13.40 27.86
CA TYR A 193 -4.87 13.85 26.48
C TYR A 193 -3.50 14.33 26.02
N TRP A 194 -2.83 15.15 26.84
CA TRP A 194 -1.58 15.76 26.44
C TRP A 194 -0.36 15.02 26.97
N MET A 195 -0.53 13.82 27.52
CA MET A 195 0.58 12.92 27.75
C MET A 195 0.95 12.14 26.48
N ILE A 196 0.01 12.02 25.55
CA ILE A 196 0.22 11.27 24.31
C ILE A 196 1.03 12.11 23.34
N VAL A 197 2.31 12.27 23.62
CA VAL A 197 3.18 13.15 22.85
C VAL A 197 4.51 12.46 22.60
N PRO A 198 5.30 12.96 21.64
CA PRO A 198 6.67 12.47 21.50
C PRO A 198 7.47 12.72 22.76
N GLY A 199 8.37 11.78 23.08
CA GLY A 199 9.20 11.93 24.25
C GLY A 199 8.48 11.80 25.57
N TYR A 200 7.26 11.25 25.58
CA TYR A 200 6.51 11.08 26.82
C TYR A 200 7.29 10.31 27.87
N GLU A 201 8.26 9.49 27.46
CA GLU A 201 8.98 8.64 28.41
C GLU A 201 9.75 9.44 29.44
N PHE A 202 10.12 10.69 29.11
CA PHE A 202 10.77 11.55 30.10
C PHE A 202 9.84 11.88 31.26
N LEU A 203 8.53 11.72 31.08
CA LEU A 203 7.57 11.99 32.14
C LEU A 203 7.53 10.92 33.21
N TYR A 204 8.19 9.78 33.00
CA TYR A 204 8.26 8.73 34.02
C TYR A 204 8.71 9.29 35.36
N GLU A 205 9.57 10.31 35.32
CA GLU A 205 10.07 10.95 36.54
C GLU A 205 8.94 11.57 37.36
N LEU A 206 7.84 11.95 36.73
CA LEU A 206 6.71 12.57 37.40
C LEU A 206 5.50 11.66 37.51
N TYR A 207 5.22 10.87 36.48
CA TYR A 207 4.02 10.03 36.42
C TYR A 207 4.40 8.60 36.02
N PRO A 208 5.16 7.90 36.87
CA PRO A 208 5.75 6.62 36.44
C PRO A 208 4.73 5.55 36.08
N ALA A 209 3.67 5.41 36.88
CA ALA A 209 2.66 4.40 36.57
C ALA A 209 1.90 4.76 35.30
N GLU A 210 1.59 6.04 35.11
CA GLU A 210 0.89 6.46 33.90
C GLU A 210 1.75 6.28 32.66
N VAL A 211 3.04 6.58 32.78
CA VAL A 211 3.94 6.44 31.63
C VAL A 211 4.13 4.96 31.29
N LEU A 212 4.37 4.13 32.31
CA LEU A 212 4.50 2.70 32.05
C LEU A 212 3.22 2.13 31.46
N ALA A 213 2.07 2.55 31.96
CA ALA A 213 0.81 2.03 31.46
C ALA A 213 0.63 2.37 29.98
N TYR A 214 1.00 3.58 29.58
CA TYR A 214 0.93 3.94 28.16
C TYR A 214 1.92 3.13 27.33
N THR A 215 3.12 2.88 27.87
CA THR A 215 4.07 2.00 27.20
C THR A 215 3.50 0.60 27.06
N LEU A 216 2.79 0.12 28.08
CA LEU A 216 2.14 -1.18 27.99
C LEU A 216 1.12 -1.21 26.86
N VAL A 217 0.31 -0.15 26.77
CA VAL A 217 -0.71 -0.09 25.73
C VAL A 217 -0.07 -0.02 24.34
N ARG A 218 1.06 0.67 24.25
CA ARG A 218 1.76 0.75 22.97
C ARG A 218 2.26 -0.62 22.53
N LEU A 219 2.74 -1.43 23.47
CA LEU A 219 3.26 -2.75 23.13
C LEU A 219 2.14 -3.68 22.66
N GLN A 220 1.03 -3.71 23.38
CA GLN A 220 -0.02 -4.68 23.04
C GLN A 220 -0.81 -4.26 21.82
N TYR A 221 -1.28 -3.01 21.79
CA TYR A 221 -2.14 -2.52 20.72
C TYR A 221 -1.38 -1.72 19.68
N ARG A 222 -0.16 -2.17 19.33
CA ARG A 222 0.67 -1.39 18.42
C ARG A 222 0.04 -1.25 17.04
N LYS A 223 -0.72 -2.25 16.60
CA LYS A 223 -1.41 -2.14 15.32
C LYS A 223 -2.54 -1.11 15.38
N ASN A 224 -3.29 -1.12 16.48
CA ASN A 224 -4.39 -0.16 16.63
C ASN A 224 -3.87 1.27 16.68
N LEU A 225 -2.62 1.46 17.11
CA LEU A 225 -2.06 2.80 17.27
C LEU A 225 -1.20 3.21 16.09
N ASN A 226 -1.32 2.49 14.97
CA ASN A 226 -0.59 2.80 13.73
C ASN A 226 0.91 2.91 13.96
N ILE A 227 1.44 2.15 14.90
CA ILE A 227 2.88 2.09 15.12
C ILE A 227 3.54 1.41 13.94
N PRO A 228 4.58 2.00 13.34
CA PRO A 228 5.15 1.41 12.12
C PRO A 228 5.71 0.02 12.40
N ASP A 229 5.44 -0.91 11.48
CA ASP A 229 5.95 -2.26 11.66
C ASP A 229 7.46 -2.35 11.45
N SER A 230 8.11 -1.27 11.03
CA SER A 230 9.57 -1.22 11.01
C SER A 230 10.17 -1.28 12.41
N MET A 231 9.35 -1.19 13.45
CA MET A 231 9.81 -1.11 14.83
C MET A 231 9.63 -2.45 15.52
N THR A 232 10.69 -2.90 16.20
CA THR A 232 10.58 -4.10 17.02
C THR A 232 9.86 -3.78 18.33
N ASP A 233 9.43 -4.83 19.01
CA ASP A 233 8.86 -4.65 20.34
C ASP A 233 9.85 -3.99 21.28
N ALA A 234 11.14 -4.29 21.11
CA ALA A 234 12.18 -3.66 21.92
C ALA A 234 12.34 -2.18 21.57
N ASP A 235 12.12 -1.81 20.30
CA ASP A 235 12.11 -0.40 19.93
C ASP A 235 11.04 0.36 20.71
N ILE A 236 9.94 -0.30 21.04
CA ILE A 236 8.81 0.35 21.68
C ILE A 236 9.12 0.66 23.14
N VAL A 237 9.90 -0.19 23.80
CA VAL A 237 10.14 -0.06 25.24
C VAL A 237 11.51 0.48 25.59
N SER A 238 12.42 0.61 24.61
CA SER A 238 13.81 0.91 24.92
C SER A 238 13.95 2.26 25.65
N SER A 239 13.24 3.28 25.19
CA SER A 239 13.37 4.60 25.81
C SER A 239 12.91 4.59 27.26
N LEU A 240 11.80 3.91 27.54
CA LEU A 240 11.33 3.80 28.91
C LEU A 240 12.33 3.04 29.78
N VAL A 241 12.86 1.94 29.26
CA VAL A 241 13.80 1.12 30.04
C VAL A 241 15.06 1.90 30.35
N MET A 242 15.49 2.76 29.42
CA MET A 242 16.64 3.62 29.68
C MET A 242 16.37 4.53 30.88
N LYS A 243 15.20 5.16 30.91
CA LYS A 243 14.86 6.04 32.02
C LYS A 243 14.64 5.24 33.30
N MET A 244 13.95 4.10 33.22
CA MET A 244 13.79 3.24 34.39
C MET A 244 15.15 2.78 34.91
N ASN A 245 16.10 2.53 34.00
CA ASN A 245 17.43 2.12 34.42
C ASN A 245 18.14 3.23 35.17
N ARG A 246 17.98 4.47 34.74
CA ARG A 246 18.61 5.62 35.41
C ARG A 246 18.08 5.77 36.84
N ILE A 247 16.78 5.87 37.01
CA ILE A 247 16.15 6.05 38.36
C ILE A 247 16.23 4.80 39.25
N HIS A 248 15.89 3.63 38.72
CA HIS A 248 15.79 2.42 39.57
C HIS A 248 17.11 1.65 39.69
N LYS A 249 18.15 2.02 38.94
CA LYS A 249 19.41 1.24 38.94
C LYS A 249 19.10 -0.25 38.68
N LEU A 250 18.56 -0.58 37.50
CA LEU A 250 18.10 -1.95 37.16
C LEU A 250 19.21 -3.01 37.15
N GLU A 251 20.47 -2.64 37.04
CA GLU A 251 21.55 -3.65 37.16
C GLU A 251 21.56 -4.19 38.58
N GLN A 252 21.25 -3.35 39.57
CA GLN A 252 21.27 -3.76 40.99
C GLN A 252 19.84 -3.80 41.54
N THR A 253 18.83 -3.74 40.67
CA THR A 253 17.45 -3.79 41.09
C THR A 253 16.65 -4.61 40.08
N SER A 254 15.60 -5.26 40.56
CA SER A 254 14.75 -6.05 39.69
C SER A 254 13.60 -5.20 39.16
N PHE A 255 13.02 -5.66 38.04
CA PHE A 255 11.80 -5.03 37.56
C PHE A 255 10.69 -5.14 38.60
N ASP A 256 10.58 -6.30 39.25
CA ASP A 256 9.56 -6.50 40.26
C ASP A 256 9.72 -5.52 41.42
N GLU A 257 10.97 -5.25 41.83
CA GLU A 257 11.20 -4.26 42.87
C GLU A 257 10.73 -2.88 42.40
N ALA A 258 11.08 -2.51 41.17
CA ALA A 258 10.71 -1.20 40.64
C ALA A 258 9.19 -1.04 40.58
N LEU A 259 8.50 -2.05 40.05
CA LEU A 259 7.06 -1.94 39.86
C LEU A 259 6.29 -2.01 41.19
N ASN A 260 6.90 -2.55 42.24
CA ASN A 260 6.27 -2.50 43.56
C ASN A 260 6.49 -1.16 44.23
N LEU A 261 7.63 -0.50 43.98
CA LEU A 261 7.84 0.84 44.49
C LEU A 261 6.79 1.80 43.96
N ILE A 262 6.55 1.78 42.64
CA ILE A 262 5.58 2.69 42.07
C ILE A 262 4.16 2.18 42.24
N GLY A 263 3.97 0.88 42.43
CA GLY A 263 2.64 0.34 42.69
C GLY A 263 2.01 -0.31 41.49
N LYS A 264 1.92 -1.64 41.49
CA LYS A 264 1.24 -2.35 40.41
C LYS A 264 -0.24 -2.02 40.36
N ASP A 265 -0.83 -1.59 41.48
CA ASP A 265 -2.21 -1.15 41.47
C ASP A 265 -2.39 0.13 40.68
N ASN A 266 -1.47 1.09 40.87
CA ASN A 266 -1.52 2.32 40.08
C ASN A 266 -1.38 2.03 38.59
N VAL A 267 -0.46 1.12 38.24
CA VAL A 267 -0.24 0.79 36.84
C VAL A 267 -1.48 0.18 36.21
N SER A 268 -2.15 -0.71 36.95
CA SER A 268 -3.33 -1.38 36.43
C SER A 268 -4.46 -0.38 36.17
N GLU A 269 -4.72 0.49 37.15
CA GLU A 269 -5.72 1.53 37.01
C GLU A 269 -5.51 2.31 35.72
N ALA A 270 -4.31 2.86 35.56
CA ALA A 270 -4.01 3.61 34.34
C ALA A 270 -4.10 2.72 33.11
N TYR A 271 -3.66 1.46 33.22
CA TYR A 271 -3.71 0.56 32.08
C TYR A 271 -5.14 0.34 31.60
N VAL A 272 -6.08 0.13 32.52
CA VAL A 272 -7.46 -0.14 32.13
C VAL A 272 -8.07 1.09 31.46
N GLU A 273 -7.84 2.26 32.04
CA GLU A 273 -8.31 3.50 31.44
C GLU A 273 -7.86 3.62 29.99
N LEU A 274 -6.56 3.53 29.76
CA LEU A 274 -6.02 3.70 28.41
C LEU A 274 -6.43 2.54 27.50
N ALA A 275 -6.51 1.33 28.04
CA ALA A 275 -6.79 0.17 27.18
C ALA A 275 -8.24 0.11 26.75
N ARG A 276 -9.16 0.59 27.59
CA ARG A 276 -10.58 0.51 27.25
C ARG A 276 -10.92 1.45 26.10
N ASP A 277 -10.33 2.65 26.08
CA ASP A 277 -10.61 3.60 25.01
C ASP A 277 -10.10 3.09 23.66
N ILE A 278 -9.05 2.28 23.68
CA ILE A 278 -8.59 1.67 22.43
C ILE A 278 -9.56 0.60 21.95
N GLY A 279 -9.97 -0.29 22.87
CA GLY A 279 -10.88 -1.36 22.48
C GLY A 279 -12.13 -0.86 21.81
N SER A 280 -12.82 0.10 22.43
CA SER A 280 -14.04 0.66 21.87
C SER A 280 -13.77 1.43 20.59
N THR A 281 -12.54 1.86 20.36
CA THR A 281 -12.17 2.65 19.18
C THR A 281 -11.83 1.79 17.97
N SER A 282 -11.45 0.52 18.18
CA SER A 282 -10.89 -0.31 17.12
C SER A 282 -11.92 -0.54 16.00
N LYS A 283 -11.55 -0.14 14.78
CA LYS A 283 -12.38 -0.41 13.61
C LYS A 283 -12.38 -1.90 13.30
N THR A 284 -11.22 -2.53 13.35
CA THR A 284 -11.11 -3.97 13.10
C THR A 284 -11.98 -4.79 14.05
N LYS A 285 -12.06 -4.36 15.31
CA LYS A 285 -12.84 -5.11 16.30
C LYS A 285 -14.34 -4.99 16.02
N ARG A 286 -14.80 -3.76 15.73
CA ARG A 286 -16.20 -3.55 15.38
C ARG A 286 -16.59 -4.38 14.17
N ASN A 287 -15.70 -4.45 13.18
CA ASN A 287 -16.01 -5.23 11.98
C ASN A 287 -16.12 -6.73 12.30
N ASP A 288 -15.28 -7.22 13.21
CA ASP A 288 -15.35 -8.62 13.59
C ASP A 288 -16.63 -8.92 14.36
N GLU A 289 -16.98 -8.05 15.32
CA GLU A 289 -18.26 -8.20 16.01
C GLU A 289 -19.42 -8.16 15.03
N ALA A 290 -19.38 -7.22 14.08
CA ALA A 290 -20.46 -7.08 13.12
C ALA A 290 -20.67 -8.37 12.33
N ILE A 291 -19.59 -9.00 11.89
CA ILE A 291 -19.71 -10.21 11.08
C ILE A 291 -20.37 -11.32 11.87
N LEU A 292 -20.04 -11.45 13.16
CA LEU A 292 -20.69 -12.45 14.00
C LEU A 292 -22.18 -12.17 14.13
N LYS A 293 -22.54 -10.93 14.48
CA LYS A 293 -23.95 -10.56 14.60
C LYS A 293 -24.68 -10.72 13.27
N PHE A 294 -23.99 -10.41 12.16
CA PHE A 294 -24.63 -10.48 10.85
C PHE A 294 -24.90 -11.92 10.43
N ARG A 295 -23.98 -12.84 10.76
CA ARG A 295 -24.20 -14.23 10.46
C ARG A 295 -25.38 -14.79 11.26
N GLU A 296 -25.49 -14.40 12.53
CA GLU A 296 -26.65 -14.79 13.33
C GLU A 296 -27.94 -14.32 12.67
N LEU A 297 -27.98 -13.04 12.26
CA LEU A 297 -29.16 -12.47 11.65
C LEU A 297 -29.56 -13.22 10.39
N ILE A 298 -28.59 -13.58 9.55
CA ILE A 298 -28.90 -14.28 8.31
C ILE A 298 -29.51 -15.64 8.62
N ALA A 299 -28.98 -16.32 9.64
CA ALA A 299 -29.58 -17.58 10.08
C ALA A 299 -30.99 -17.36 10.59
N SER A 300 -31.25 -16.23 11.27
CA SER A 300 -32.59 -15.92 11.74
C SER A 300 -33.63 -16.02 10.63
N PHE A 301 -33.23 -15.74 9.39
CA PHE A 301 -34.16 -15.54 8.30
C PHE A 301 -34.54 -16.82 7.56
N LEU A 302 -34.04 -17.98 8.00
CA LEU A 302 -34.33 -19.22 7.27
C LEU A 302 -35.81 -19.55 7.25
N PRO A 303 -36.56 -19.51 8.36
CA PRO A 303 -38.01 -19.73 8.26
C PRO A 303 -38.70 -18.78 7.28
N ALA A 304 -38.39 -17.48 7.34
CA ALA A 304 -38.98 -16.54 6.40
C ALA A 304 -38.55 -16.83 4.97
N LEU A 305 -37.33 -17.34 4.78
CA LEU A 305 -36.85 -17.64 3.44
C LEU A 305 -37.54 -18.86 2.86
N GLU A 306 -37.66 -19.92 3.66
CA GLU A 306 -38.37 -21.12 3.20
C GLU A 306 -39.82 -20.81 2.88
N ALA A 307 -40.47 -20.00 3.72
CA ALA A 307 -41.83 -19.58 3.44
C ALA A 307 -41.93 -18.90 2.08
N ASP A 308 -40.93 -18.10 1.72
CA ASP A 308 -40.93 -17.46 0.42
C ASP A 308 -40.58 -18.45 -0.68
N ARG A 309 -39.70 -19.41 -0.42
CA ARG A 309 -39.38 -20.45 -1.42
C ARG A 309 -40.62 -21.31 -1.71
N ILE A 310 -41.42 -21.64 -0.69
CA ILE A 310 -42.70 -22.41 -0.86
C ILE A 310 -43.72 -21.56 -1.65
N ALA A 311 -43.84 -20.28 -1.33
CA ALA A 311 -44.74 -19.40 -2.11
C ALA A 311 -44.30 -19.34 -3.58
N SER A 312 -43.01 -19.17 -3.85
CA SER A 312 -42.47 -19.13 -5.22
C SER A 312 -42.80 -20.43 -5.97
N ALA A 313 -42.91 -21.54 -5.25
CA ALA A 313 -43.35 -22.81 -5.88
C ALA A 313 -44.80 -23.06 -5.49
N ASP B 53 25.47 30.42 17.78
CA ASP B 53 25.76 29.47 16.71
C ASP B 53 24.51 28.76 16.21
N LEU B 54 23.57 28.47 17.13
CA LEU B 54 22.42 27.66 16.80
C LEU B 54 21.48 28.31 15.80
N LYS B 55 21.51 29.64 15.70
CA LYS B 55 20.73 30.44 14.75
C LYS B 55 19.31 29.88 14.56
N PRO B 56 18.50 29.86 15.61
CA PRO B 56 17.19 29.23 15.51
C PRO B 56 16.18 30.11 14.79
N ILE B 57 15.30 29.45 14.07
CA ILE B 57 14.18 30.11 13.41
C ILE B 57 13.05 30.26 14.40
N ASP B 58 12.27 31.33 14.26
CA ASP B 58 11.13 31.55 15.13
C ASP B 58 9.93 30.76 14.61
N VAL B 59 9.22 30.11 15.54
CA VAL B 59 8.01 29.36 15.22
C VAL B 59 6.86 30.01 15.98
N GLU B 60 5.95 30.65 15.25
CA GLU B 60 4.82 31.33 15.86
C GLU B 60 3.79 30.31 16.34
N VAL B 61 3.21 30.56 17.51
CA VAL B 61 2.22 29.66 18.06
C VAL B 61 0.98 29.68 17.18
N GLN B 62 0.51 28.49 16.80
CA GLN B 62 -0.66 28.37 15.93
C GLN B 62 -1.29 26.99 16.20
N ALA B 63 -2.18 26.96 17.18
CA ALA B 63 -2.73 25.69 17.65
C ALA B 63 -3.46 24.95 16.55
N PHE B 64 -3.43 23.63 16.63
CA PHE B 64 -4.25 22.78 15.78
C PHE B 64 -5.63 22.64 16.40
N THR B 65 -6.67 23.04 15.68
CA THR B 65 -8.03 23.04 16.20
C THR B 65 -8.96 22.34 15.23
N SER B 66 -10.25 22.35 15.59
CA SER B 66 -11.28 21.78 14.72
C SER B 66 -11.31 22.50 13.38
N ALA B 67 -11.03 23.80 13.37
CA ALA B 67 -10.97 24.55 12.12
C ALA B 67 -9.88 24.00 11.20
N SER B 68 -8.87 23.38 11.77
CA SER B 68 -7.77 22.81 10.95
C SER B 68 -8.06 21.34 10.64
N GLN B 69 -9.16 20.79 11.16
CA GLN B 69 -9.48 19.35 10.98
C GLN B 69 -10.45 19.17 9.80
N ASN B 70 -10.67 17.93 9.37
CA ASN B 70 -11.62 17.64 8.25
C ASN B 70 -13.05 17.62 8.80
N ILE B 71 -13.81 18.69 8.56
CA ILE B 71 -15.21 18.77 9.07
C ILE B 71 -16.13 18.08 8.07
N SER B 72 -16.21 16.75 8.12
CA SER B 72 -17.05 15.99 7.16
C SER B 72 -18.38 15.61 7.79
N ASN B 73 -19.31 16.55 7.89
CA ASN B 73 -20.64 16.18 8.40
C ASN B 73 -21.59 15.99 7.21
N PHE B 74 -21.40 14.89 6.47
CA PHE B 74 -22.24 14.63 5.28
C PHE B 74 -23.56 13.99 5.66
N THR B 75 -24.66 14.60 5.23
CA THR B 75 -25.98 14.02 5.39
C THR B 75 -26.71 14.09 4.06
N LEU B 76 -27.45 13.03 3.73
CA LEU B 76 -28.26 13.06 2.52
C LEU B 76 -29.42 14.02 2.62
N HIS B 77 -29.68 14.58 3.81
CA HIS B 77 -30.81 15.47 4.00
C HIS B 77 -30.59 16.84 3.36
N LYS B 78 -29.35 17.21 3.07
CA LYS B 78 -29.07 18.45 2.37
C LYS B 78 -29.21 18.33 0.86
N TYR B 79 -29.58 17.14 0.36
CA TYR B 79 -29.65 16.90 -1.09
C TYR B 79 -30.95 16.23 -1.51
N ARG B 80 -32.02 16.36 -0.74
CA ARG B 80 -33.20 15.51 -0.99
C ARG B 80 -33.95 15.86 -2.27
N ASN B 81 -33.79 17.06 -2.82
CA ASN B 81 -34.64 17.52 -3.92
C ASN B 81 -33.86 17.93 -5.16
N ILE B 82 -32.57 17.56 -5.27
CA ILE B 82 -31.77 18.08 -6.38
C ILE B 82 -31.89 17.25 -7.65
N CYS B 83 -32.53 16.08 -7.61
CA CYS B 83 -32.55 15.19 -8.76
C CYS B 83 -33.79 15.40 -9.63
N HIS B 84 -33.59 15.31 -10.93
CA HIS B 84 -34.63 14.88 -11.87
C HIS B 84 -34.47 13.37 -11.99
N VAL B 85 -35.55 12.63 -11.68
CA VAL B 85 -35.43 11.20 -11.39
C VAL B 85 -34.77 10.46 -12.56
N ASP B 86 -35.28 10.66 -13.78
CA ASP B 86 -34.74 9.92 -14.92
C ASP B 86 -33.31 10.32 -15.24
N THR B 87 -32.92 11.55 -14.88
CA THR B 87 -31.54 11.97 -15.13
C THR B 87 -30.58 11.27 -14.17
N CYS B 88 -30.91 11.26 -12.87
CA CYS B 88 -30.05 10.59 -11.90
C CYS B 88 -30.05 9.08 -12.08
N ALA B 89 -31.18 8.51 -12.48
CA ALA B 89 -31.22 7.09 -12.81
C ALA B 89 -30.30 6.78 -13.99
N ALA B 90 -30.23 7.68 -14.96
CA ALA B 90 -29.37 7.47 -16.12
C ALA B 90 -27.89 7.50 -15.71
N HIS B 91 -27.49 8.50 -14.93
CA HIS B 91 -26.12 8.55 -14.42
C HIS B 91 -25.77 7.27 -13.66
N LEU B 92 -26.70 6.81 -12.81
CA LEU B 92 -26.47 5.59 -12.05
C LEU B 92 -26.34 4.39 -12.96
N SER B 93 -27.11 4.36 -14.05
CA SER B 93 -27.02 3.26 -15.01
C SER B 93 -25.65 3.20 -15.68
N LYS B 94 -24.87 4.27 -15.60
CA LYS B 94 -23.53 4.32 -16.19
C LYS B 94 -22.46 4.41 -15.12
N SER B 95 -22.70 3.82 -13.94
CA SER B 95 -21.73 3.93 -12.85
C SER B 95 -20.40 3.30 -13.21
N LYS B 96 -20.41 2.22 -14.00
CA LYS B 96 -19.16 1.60 -14.44
C LYS B 96 -18.35 2.57 -15.29
N GLU B 97 -19.00 3.20 -16.26
CA GLU B 97 -18.28 4.09 -17.19
C GLU B 97 -17.92 5.41 -16.53
N ASN B 98 -18.77 5.92 -15.64
CA ASN B 98 -18.42 7.13 -14.89
C ASN B 98 -17.17 6.89 -14.05
N LYS B 99 -17.06 5.69 -13.46
CA LYS B 99 -15.88 5.37 -12.67
C LYS B 99 -14.64 5.26 -13.54
N GLU B 100 -14.77 4.68 -14.73
CA GLU B 100 -13.65 4.60 -15.66
C GLU B 100 -13.16 5.99 -16.04
N LYS B 101 -14.10 6.90 -16.34
CA LYS B 101 -13.71 8.27 -16.68
C LYS B 101 -13.12 9.00 -15.50
N LEU B 102 -13.62 8.73 -14.29
CA LEU B 102 -13.11 9.40 -13.10
C LEU B 102 -11.63 9.11 -12.88
N GLN B 103 -11.14 7.96 -13.35
CA GLN B 103 -9.71 7.66 -13.23
C GLN B 103 -8.86 8.73 -13.91
N ALA B 104 -9.33 9.24 -15.04
CA ALA B 104 -8.58 10.23 -15.80
C ALA B 104 -8.91 11.67 -15.39
N ARG B 105 -10.18 11.98 -15.21
CA ARG B 105 -10.60 13.37 -14.98
C ARG B 105 -11.66 13.43 -13.89
N ASN B 106 -11.81 14.63 -13.33
CA ASN B 106 -12.97 14.91 -12.50
C ASN B 106 -14.19 15.08 -13.40
N LEU B 107 -15.37 14.80 -12.84
CA LEU B 107 -16.60 14.78 -13.61
C LEU B 107 -17.56 15.86 -13.12
N ARG B 108 -18.32 16.43 -14.05
CA ARG B 108 -19.45 17.28 -13.73
C ARG B 108 -20.73 16.57 -14.19
N LEU B 109 -21.59 16.23 -13.24
CA LEU B 109 -22.83 15.53 -13.52
C LEU B 109 -23.99 16.50 -13.27
N ILE B 110 -24.71 16.85 -14.33
CA ILE B 110 -25.94 17.61 -14.19
C ILE B 110 -27.03 16.65 -13.73
N VAL B 111 -27.65 16.96 -12.59
CA VAL B 111 -28.68 16.09 -12.01
C VAL B 111 -30.08 16.65 -12.19
N SER B 112 -30.24 17.95 -12.40
CA SER B 112 -31.51 18.56 -12.74
C SER B 112 -31.24 19.84 -13.50
N SER B 113 -32.30 20.56 -13.84
CA SER B 113 -32.11 21.87 -14.47
C SER B 113 -31.61 22.92 -13.49
N ASN B 114 -31.58 22.61 -12.19
CA ASN B 114 -31.14 23.55 -11.18
C ASN B 114 -29.88 23.13 -10.43
N GLU B 115 -29.35 21.93 -10.67
CA GLU B 115 -28.26 21.44 -9.84
C GLU B 115 -27.31 20.58 -10.66
N PHE B 116 -26.06 20.53 -10.20
CA PHE B 116 -25.06 19.61 -10.73
C PHE B 116 -24.13 19.22 -9.59
N LEU B 117 -23.40 18.12 -9.80
CA LEU B 117 -22.40 17.64 -8.86
C LEU B 117 -21.04 17.61 -9.55
N VAL B 118 -20.00 17.91 -8.79
CA VAL B 118 -18.62 17.75 -9.25
C VAL B 118 -18.04 16.56 -8.51
N VAL B 119 -17.73 15.50 -9.26
CA VAL B 119 -17.27 14.24 -8.69
C VAL B 119 -15.75 14.21 -8.75
N VAL B 120 -15.13 13.86 -7.61
CA VAL B 120 -13.69 13.87 -7.45
C VAL B 120 -13.26 12.52 -6.89
N LYS B 121 -11.95 12.29 -6.91
CA LYS B 121 -11.36 11.28 -6.05
C LYS B 121 -11.24 11.85 -4.64
N GLU B 122 -11.48 10.98 -3.64
CA GLU B 122 -11.79 11.46 -2.29
C GLU B 122 -10.70 12.37 -1.73
N LEU B 123 -9.46 12.12 -2.15
CA LEU B 123 -8.31 12.91 -1.65
C LEU B 123 -8.64 14.40 -1.80
N ASN B 124 -9.39 14.75 -2.83
CA ASN B 124 -9.82 16.17 -2.99
C ASN B 124 -11.05 16.41 -2.11
N ASP B 125 -10.87 16.34 -0.79
CA ASP B 125 -12.00 16.58 0.16
C ASP B 125 -12.23 18.09 0.29
N SER B 126 -13.49 18.51 0.19
CA SER B 126 -13.82 19.95 0.26
C SER B 126 -15.18 20.12 0.94
N THR B 127 -15.34 21.19 1.72
CA THR B 127 -16.62 21.47 2.39
C THR B 127 -17.70 21.76 1.37
N VAL B 128 -17.34 22.28 0.18
CA VAL B 128 -18.37 22.67 -0.83
C VAL B 128 -19.37 21.52 -1.03
N ASP B 129 -20.65 21.81 -0.84
CA ASP B 129 -21.71 20.76 -0.87
C ASP B 129 -21.72 19.95 -2.16
N ASN B 130 -21.56 20.57 -3.33
CA ASN B 130 -21.73 19.80 -4.55
C ASN B 130 -20.41 19.28 -5.12
N VAL B 131 -19.34 19.32 -4.34
CA VAL B 131 -18.12 18.57 -4.66
C VAL B 131 -18.08 17.36 -3.72
N VAL B 132 -18.12 16.17 -4.31
CA VAL B 132 -18.37 14.94 -3.56
C VAL B 132 -17.52 13.81 -4.13
N SER B 133 -17.36 12.76 -3.33
CA SER B 133 -16.70 11.55 -3.79
C SER B 133 -17.58 10.82 -4.80
N PHE B 134 -17.02 9.75 -5.38
CA PHE B 134 -17.80 8.94 -6.30
C PHE B 134 -18.94 8.22 -5.57
N ASN B 135 -18.66 7.70 -4.38
CA ASN B 135 -19.69 6.97 -3.63
C ASN B 135 -20.76 7.92 -3.11
N LYS B 136 -20.36 9.13 -2.69
CA LYS B 136 -21.34 10.10 -2.24
C LYS B 136 -22.21 10.59 -3.40
N ALA B 137 -21.60 10.81 -4.57
CA ALA B 137 -22.37 11.16 -5.76
C ALA B 137 -23.42 10.09 -6.06
N CYS B 138 -22.99 8.81 -6.06
CA CYS B 138 -23.91 7.72 -6.36
C CYS B 138 -25.02 7.64 -5.34
N ALA B 139 -24.70 7.82 -4.05
CA ALA B 139 -25.71 7.75 -3.01
C ALA B 139 -26.72 8.88 -3.13
N ILE B 140 -26.23 10.10 -3.41
CA ILE B 140 -27.13 11.24 -3.57
C ILE B 140 -28.12 10.98 -4.68
N MET B 141 -27.63 10.49 -5.83
CA MET B 141 -28.51 10.28 -6.97
C MET B 141 -29.49 9.12 -6.74
N SER B 142 -29.03 8.07 -6.05
CA SER B 142 -29.91 6.94 -5.73
C SER B 142 -31.00 7.35 -4.76
N ALA B 143 -30.65 8.18 -3.79
CA ALA B 143 -31.63 8.73 -2.87
C ALA B 143 -32.70 9.51 -3.62
N GLY B 144 -32.30 10.25 -4.66
CA GLY B 144 -33.26 10.98 -5.47
C GLY B 144 -34.26 10.07 -6.16
N VAL B 145 -33.84 8.87 -6.55
CA VAL B 145 -34.74 7.93 -7.20
C VAL B 145 -35.56 7.16 -6.17
N LEU B 146 -34.91 6.68 -5.11
CA LEU B 146 -35.60 5.88 -4.10
C LEU B 146 -36.64 6.68 -3.34
N LYS B 147 -36.57 8.02 -3.39
CA LYS B 147 -37.64 8.84 -2.83
C LYS B 147 -38.99 8.53 -3.47
N HIS B 148 -38.98 7.96 -4.68
CA HIS B 148 -40.19 7.67 -5.43
C HIS B 148 -40.48 6.17 -5.54
N THR B 149 -39.71 5.32 -4.88
CA THR B 149 -39.94 3.88 -4.97
C THR B 149 -40.09 3.24 -3.59
N PHE B 150 -39.43 3.80 -2.58
CA PHE B 150 -39.64 3.38 -1.20
C PHE B 150 -40.69 4.26 -0.56
N ASP B 151 -41.71 3.64 0.03
CA ASP B 151 -42.78 4.42 0.64
C ASP B 151 -42.36 5.06 1.96
N GLU B 152 -41.41 4.46 2.67
CA GLU B 152 -41.06 4.90 4.01
C GLU B 152 -39.57 5.18 4.13
N GLU B 153 -39.23 6.04 5.09
CA GLU B 153 -37.86 6.36 5.43
C GLU B 153 -37.76 6.53 6.94
N PHE B 154 -36.53 6.54 7.45
CA PHE B 154 -36.30 6.47 8.89
C PHE B 154 -36.22 7.86 9.52
N ASP B 155 -36.89 8.02 10.65
CA ASP B 155 -36.80 9.21 11.50
C ASP B 155 -36.02 8.82 12.74
N TRP B 156 -34.79 9.32 12.86
CA TRP B 156 -33.92 8.91 13.96
C TRP B 156 -34.29 9.54 15.28
N LYS B 157 -35.07 10.62 15.27
CA LYS B 157 -35.58 11.17 16.53
C LYS B 157 -36.74 10.34 17.06
N LEU B 158 -37.53 9.74 16.18
CA LEU B 158 -38.63 8.88 16.57
C LEU B 158 -38.24 7.40 16.60
N SER B 159 -37.06 7.06 16.10
CA SER B 159 -36.56 5.68 16.11
C SER B 159 -37.50 4.74 15.38
N LYS B 160 -38.04 5.18 14.24
CA LYS B 160 -39.00 4.38 13.51
C LYS B 160 -39.01 4.82 12.05
N TYR B 161 -39.64 4.00 11.22
CA TYR B 161 -39.90 4.38 9.84
C TYR B 161 -41.16 5.24 9.77
N VAL B 162 -41.10 6.27 8.94
CA VAL B 162 -42.24 7.16 8.71
C VAL B 162 -42.47 7.23 7.20
N LYS B 163 -43.67 7.69 6.83
CA LYS B 163 -44.00 7.80 5.42
C LYS B 163 -43.21 8.93 4.77
N THR B 164 -42.65 8.64 3.59
CA THR B 164 -41.98 9.65 2.78
C THR B 164 -43.06 10.45 2.06
N ASN B 165 -43.19 11.72 2.43
CA ASN B 165 -44.26 12.56 1.89
C ASN B 165 -43.75 13.23 0.61
N ASN B 166 -44.22 12.71 -0.52
CA ASN B 166 -43.72 13.05 -1.85
C ASN B 166 -44.86 13.75 -2.59
N THR B 167 -44.73 15.07 -2.75
CA THR B 167 -45.73 15.86 -3.45
C THR B 167 -45.99 15.29 -4.85
N THR B 168 -44.91 15.01 -5.58
CA THR B 168 -44.94 14.60 -6.98
C THR B 168 -44.62 13.11 -7.06
N LYS B 169 -45.52 12.33 -7.63
CA LYS B 169 -45.29 10.89 -7.77
C LYS B 169 -44.76 10.61 -9.17
N VAL B 170 -43.55 10.07 -9.25
CA VAL B 170 -42.81 9.88 -10.48
C VAL B 170 -42.36 8.43 -10.52
N ILE B 171 -42.48 7.78 -11.67
CA ILE B 171 -41.98 6.42 -11.86
C ILE B 171 -40.68 6.51 -12.63
N PRO B 172 -39.58 5.94 -12.12
CA PRO B 172 -38.34 5.91 -12.91
C PRO B 172 -38.58 5.18 -14.21
N ASP B 173 -37.97 5.69 -15.29
CA ASP B 173 -38.10 5.08 -16.61
C ASP B 173 -37.71 3.61 -16.54
N VAL B 174 -38.69 2.72 -16.75
CA VAL B 174 -38.46 1.29 -16.64
C VAL B 174 -37.50 0.76 -17.70
N LYS B 175 -37.14 1.56 -18.69
CA LYS B 175 -36.22 1.10 -19.73
C LYS B 175 -34.76 1.36 -19.38
N ILE B 176 -34.48 2.15 -18.35
CA ILE B 176 -33.11 2.35 -17.88
C ILE B 176 -32.71 1.12 -17.06
N ILE B 177 -31.62 0.48 -17.45
CA ILE B 177 -31.22 -0.82 -16.92
C ILE B 177 -30.08 -0.63 -15.92
N ASN B 178 -30.17 -1.31 -14.78
CA ASN B 178 -29.11 -1.33 -13.77
C ASN B 178 -28.44 -2.70 -13.84
N ARG B 179 -27.23 -2.73 -14.42
CA ARG B 179 -26.52 -4.00 -14.59
C ARG B 179 -26.20 -4.64 -13.24
N LEU B 180 -25.90 -3.84 -12.23
CA LEU B 180 -25.61 -4.39 -10.91
C LEU B 180 -26.83 -5.08 -10.32
N ALA B 181 -28.00 -4.46 -10.45
CA ALA B 181 -29.22 -5.11 -9.98
C ALA B 181 -29.61 -6.29 -10.86
N GLY B 182 -29.29 -6.23 -12.15
CA GLY B 182 -29.54 -7.38 -13.01
C GLY B 182 -28.68 -8.58 -12.66
N GLN B 183 -27.46 -8.34 -12.20
CA GLN B 183 -26.61 -9.44 -11.76
C GLN B 183 -27.20 -10.16 -10.56
N MET B 184 -27.95 -9.45 -9.72
CA MET B 184 -28.62 -10.04 -8.57
C MET B 184 -29.90 -10.77 -8.96
N GLY B 185 -30.34 -10.69 -10.20
CA GLY B 185 -31.61 -11.23 -10.59
C GLY B 185 -32.77 -10.27 -10.45
N LEU B 186 -32.52 -9.03 -10.08
CA LEU B 186 -33.57 -8.02 -10.02
C LEU B 186 -33.90 -7.54 -11.43
N SER B 187 -35.14 -7.09 -11.61
CA SER B 187 -35.62 -6.60 -12.89
C SER B 187 -36.12 -5.18 -12.76
N ALA B 188 -36.03 -4.44 -13.86
CA ALA B 188 -36.48 -3.05 -13.88
C ALA B 188 -37.93 -2.96 -13.41
N GLY B 189 -38.20 -1.93 -12.59
CA GLY B 189 -39.48 -1.77 -11.94
C GLY B 189 -39.48 -2.19 -10.49
N ASN B 190 -38.54 -3.02 -10.07
CA ASN B 190 -38.40 -3.36 -8.67
C ASN B 190 -38.11 -2.10 -7.85
N PRO B 191 -38.77 -1.91 -6.71
CA PRO B 191 -38.46 -0.72 -5.89
C PRO B 191 -37.01 -0.64 -5.46
N TYR B 192 -36.35 -1.78 -5.25
CA TYR B 192 -34.95 -1.83 -4.84
C TYR B 192 -33.98 -1.62 -6.00
N TYR B 193 -34.45 -1.56 -7.25
CA TYR B 193 -33.57 -1.52 -8.45
C TYR B 193 -32.43 -0.51 -8.34
N TRP B 194 -32.74 0.73 -8.00
CA TRP B 194 -31.75 1.84 -7.99
C TRP B 194 -31.02 1.99 -6.64
N MET B 195 -31.22 1.04 -5.73
CA MET B 195 -30.42 0.99 -4.47
C MET B 195 -29.13 0.18 -4.74
N ILE B 196 -29.14 -0.70 -5.76
CA ILE B 196 -27.97 -1.57 -6.08
C ILE B 196 -26.98 -0.71 -6.86
N VAL B 197 -26.20 0.10 -6.13
CA VAL B 197 -25.28 1.08 -6.75
C VAL B 197 -24.03 1.20 -5.88
N PRO B 198 -22.90 1.71 -6.39
CA PRO B 198 -21.75 1.96 -5.54
C PRO B 198 -22.05 3.00 -4.45
N GLY B 199 -21.44 2.86 -3.28
CA GLY B 199 -21.68 3.76 -2.14
C GLY B 199 -23.09 3.66 -1.59
N TYR B 200 -23.79 2.54 -1.82
CA TYR B 200 -25.13 2.40 -1.28
C TYR B 200 -25.16 2.53 0.24
N GLU B 201 -24.03 2.32 0.91
CA GLU B 201 -24.01 2.32 2.37
C GLU B 201 -24.38 3.68 2.93
N PHE B 202 -24.14 4.76 2.17
CA PHE B 202 -24.54 6.08 2.64
C PHE B 202 -26.05 6.21 2.79
N LEU B 203 -26.82 5.36 2.10
CA LEU B 203 -28.27 5.38 2.21
C LEU B 203 -28.76 4.85 3.55
N TYR B 204 -27.86 4.35 4.41
CA TYR B 204 -28.28 3.78 5.68
C TYR B 204 -29.07 4.77 6.52
N GLU B 205 -28.74 6.06 6.42
CA GLU B 205 -29.43 7.05 7.25
C GLU B 205 -30.87 7.29 6.79
N LEU B 206 -31.23 6.86 5.58
CA LEU B 206 -32.61 6.94 5.11
C LEU B 206 -33.32 5.60 5.13
N TYR B 207 -32.64 4.52 4.73
CA TYR B 207 -33.22 3.19 4.60
C TYR B 207 -32.33 2.18 5.30
N PRO B 208 -32.25 2.23 6.63
CA PRO B 208 -31.26 1.39 7.33
C PRO B 208 -31.48 -0.11 7.14
N ALA B 209 -32.70 -0.59 7.36
CA ALA B 209 -32.96 -2.02 7.24
C ALA B 209 -32.76 -2.51 5.82
N GLU B 210 -33.07 -1.67 4.83
CA GLU B 210 -32.86 -2.06 3.44
C GLU B 210 -31.38 -2.10 3.09
N VAL B 211 -30.60 -1.13 3.61
CA VAL B 211 -29.17 -1.09 3.32
C VAL B 211 -28.45 -2.24 4.01
N LEU B 212 -28.81 -2.53 5.26
CA LEU B 212 -28.19 -3.65 5.96
C LEU B 212 -28.52 -4.96 5.28
N ALA B 213 -29.77 -5.13 4.84
CA ALA B 213 -30.16 -6.38 4.19
C ALA B 213 -29.33 -6.64 2.94
N TYR B 214 -29.08 -5.60 2.15
CA TYR B 214 -28.24 -5.78 0.96
C TYR B 214 -26.81 -6.15 1.35
N THR B 215 -26.27 -5.51 2.39
CA THR B 215 -24.96 -5.90 2.90
C THR B 215 -24.96 -7.36 3.33
N LEU B 216 -26.04 -7.81 3.97
CA LEU B 216 -26.15 -9.21 4.36
C LEU B 216 -26.16 -10.12 3.13
N VAL B 217 -26.83 -9.68 2.06
CA VAL B 217 -26.90 -10.48 0.84
C VAL B 217 -25.52 -10.58 0.18
N ARG B 218 -24.78 -9.47 0.18
CA ARG B 218 -23.41 -9.51 -0.35
C ARG B 218 -22.54 -10.47 0.47
N LEU B 219 -22.77 -10.53 1.78
CA LEU B 219 -22.00 -11.42 2.64
C LEU B 219 -22.32 -12.88 2.37
N GLN B 220 -23.60 -13.21 2.19
CA GLN B 220 -23.99 -14.60 2.02
C GLN B 220 -23.72 -15.10 0.61
N TYR B 221 -24.05 -14.31 -0.41
CA TYR B 221 -24.00 -14.74 -1.81
C TYR B 221 -22.77 -14.20 -2.53
N ARG B 222 -21.61 -14.23 -1.87
CA ARG B 222 -20.34 -13.80 -2.47
C ARG B 222 -20.18 -14.28 -3.90
N LYS B 223 -20.31 -15.59 -4.09
CA LYS B 223 -19.89 -16.21 -5.35
C LYS B 223 -20.87 -15.88 -6.47
N ASN B 224 -22.17 -15.84 -6.17
CA ASN B 224 -23.14 -15.44 -7.18
C ASN B 224 -22.94 -14.01 -7.62
N LEU B 225 -22.42 -13.15 -6.74
CA LEU B 225 -22.21 -11.74 -7.05
C LEU B 225 -20.80 -11.45 -7.54
N ASN B 226 -20.00 -12.48 -7.82
CA ASN B 226 -18.68 -12.33 -8.43
C ASN B 226 -17.76 -11.46 -7.58
N ILE B 227 -17.84 -11.62 -6.26
CA ILE B 227 -16.98 -10.88 -5.35
C ILE B 227 -15.65 -11.61 -5.23
N PRO B 228 -14.51 -10.93 -5.42
CA PRO B 228 -13.23 -11.62 -5.37
C PRO B 228 -12.89 -12.09 -3.96
N ASP B 229 -12.06 -13.13 -3.89
CA ASP B 229 -11.59 -13.62 -2.60
C ASP B 229 -10.65 -12.64 -1.92
N SER B 230 -10.09 -11.69 -2.66
CA SER B 230 -9.29 -10.63 -2.06
C SER B 230 -10.09 -9.83 -1.04
N MET B 231 -11.42 -9.84 -1.14
CA MET B 231 -12.27 -9.08 -0.24
C MET B 231 -12.68 -9.96 0.93
N THR B 232 -12.12 -9.67 2.11
CA THR B 232 -12.53 -10.37 3.32
C THR B 232 -13.99 -10.02 3.65
N ASP B 233 -14.57 -10.81 4.55
CA ASP B 233 -15.91 -10.49 5.04
C ASP B 233 -15.95 -9.12 5.70
N ALA B 234 -14.86 -8.72 6.36
CA ALA B 234 -14.77 -7.38 6.92
C ALA B 234 -14.77 -6.32 5.83
N ASP B 235 -14.07 -6.58 4.72
CA ASP B 235 -14.08 -5.65 3.60
C ASP B 235 -15.50 -5.41 3.10
N ILE B 236 -16.37 -6.41 3.21
CA ILE B 236 -17.73 -6.28 2.70
C ILE B 236 -18.56 -5.37 3.60
N VAL B 237 -18.36 -5.46 4.93
CA VAL B 237 -19.22 -4.76 5.88
C VAL B 237 -18.63 -3.47 6.42
N SER B 238 -17.34 -3.20 6.18
CA SER B 238 -16.65 -2.13 6.88
C SER B 238 -17.26 -0.76 6.57
N SER B 239 -17.60 -0.52 5.31
CA SER B 239 -18.22 0.76 4.95
C SER B 239 -19.53 0.97 5.70
N LEU B 240 -20.36 -0.08 5.78
CA LEU B 240 -21.62 0.03 6.51
C LEU B 240 -21.38 0.23 7.99
N VAL B 241 -20.43 -0.51 8.57
CA VAL B 241 -20.17 -0.42 10.00
C VAL B 241 -19.69 0.97 10.39
N MET B 242 -18.97 1.64 9.49
CA MET B 242 -18.59 3.03 9.75
C MET B 242 -19.81 3.94 9.82
N LYS B 243 -20.76 3.75 8.90
CA LYS B 243 -22.01 4.53 8.94
C LYS B 243 -22.79 4.22 10.21
N MET B 244 -22.87 2.95 10.58
CA MET B 244 -23.61 2.57 11.79
C MET B 244 -22.95 3.14 13.04
N ASN B 245 -21.61 3.17 13.07
CA ASN B 245 -20.91 3.75 14.21
C ASN B 245 -21.22 5.24 14.34
N ARG B 246 -21.19 5.97 13.23
CA ARG B 246 -21.56 7.40 13.25
C ARG B 246 -22.94 7.59 13.90
N ILE B 247 -24.00 6.95 13.38
CA ILE B 247 -25.38 7.14 13.91
C ILE B 247 -25.64 6.49 15.26
N HIS B 248 -25.21 5.24 15.45
CA HIS B 248 -25.60 4.49 16.68
C HIS B 248 -24.60 4.71 17.83
N LYS B 249 -23.45 5.33 17.61
CA LYS B 249 -22.40 5.45 18.65
C LYS B 249 -22.04 4.06 19.17
N LEU B 250 -21.48 3.21 18.31
CA LEU B 250 -21.23 1.77 18.65
C LEU B 250 -20.22 1.57 19.78
N GLU B 251 -19.41 2.57 20.09
CA GLU B 251 -18.51 2.49 21.27
C GLU B 251 -19.38 2.36 22.53
N GLN B 252 -20.51 3.08 22.58
CA GLN B 252 -21.40 3.09 23.76
C GLN B 252 -22.70 2.34 23.49
N THR B 253 -22.84 1.71 22.34
CA THR B 253 -24.06 1.00 21.98
C THR B 253 -23.68 -0.37 21.41
N SER B 254 -24.55 -1.35 21.62
CA SER B 254 -24.30 -2.69 21.12
C SER B 254 -24.96 -2.87 19.76
N PHE B 255 -24.50 -3.89 19.02
CA PHE B 255 -25.13 -4.22 17.75
C PHE B 255 -26.56 -4.69 17.95
N ASP B 256 -26.83 -5.38 19.07
CA ASP B 256 -28.20 -5.82 19.37
C ASP B 256 -29.14 -4.62 19.50
N GLU B 257 -28.71 -3.58 20.22
CA GLU B 257 -29.54 -2.39 20.38
C GLU B 257 -29.81 -1.72 19.05
N ALA B 258 -28.76 -1.60 18.22
CA ALA B 258 -28.92 -0.97 16.91
C ALA B 258 -29.89 -1.75 16.03
N LEU B 259 -29.74 -3.08 16.00
CA LEU B 259 -30.55 -3.90 15.12
C LEU B 259 -32.03 -3.91 15.55
N ASN B 260 -32.29 -3.85 16.85
CA ASN B 260 -33.66 -3.81 17.32
C ASN B 260 -34.30 -2.44 17.13
N LEU B 261 -33.49 -1.37 17.15
CA LEU B 261 -34.03 -0.04 16.91
C LEU B 261 -34.55 0.10 15.49
N ILE B 262 -33.79 -0.40 14.51
CA ILE B 262 -34.26 -0.35 13.13
C ILE B 262 -35.21 -1.50 12.81
N GLY B 263 -35.16 -2.59 13.59
CA GLY B 263 -36.13 -3.66 13.45
C GLY B 263 -35.66 -4.84 12.61
N LYS B 264 -35.40 -5.97 13.28
CA LYS B 264 -34.91 -7.15 12.57
C LYS B 264 -35.94 -7.70 11.60
N ASP B 265 -37.24 -7.48 11.88
CA ASP B 265 -38.26 -7.91 10.94
C ASP B 265 -38.24 -7.05 9.68
N ASN B 266 -37.86 -5.78 9.80
CA ASN B 266 -37.67 -4.96 8.62
C ASN B 266 -36.49 -5.46 7.78
N VAL B 267 -35.38 -5.80 8.45
CA VAL B 267 -34.25 -6.39 7.74
C VAL B 267 -34.64 -7.72 7.12
N SER B 268 -35.41 -8.53 7.86
CA SER B 268 -35.85 -9.82 7.35
C SER B 268 -36.63 -9.66 6.04
N GLU B 269 -37.58 -8.73 6.01
CA GLU B 269 -38.41 -8.56 4.82
C GLU B 269 -37.59 -8.13 3.62
N ALA B 270 -36.65 -7.20 3.82
CA ALA B 270 -35.83 -6.74 2.71
C ALA B 270 -34.88 -7.84 2.23
N TYR B 271 -34.31 -8.61 3.15
CA TYR B 271 -33.42 -9.70 2.77
C TYR B 271 -34.14 -10.72 1.89
N VAL B 272 -35.39 -11.04 2.23
CA VAL B 272 -36.14 -12.04 1.45
C VAL B 272 -36.38 -11.53 0.03
N GLU B 273 -36.72 -10.25 -0.11
CA GLU B 273 -36.97 -9.70 -1.44
C GLU B 273 -35.70 -9.65 -2.27
N LEU B 274 -34.58 -9.25 -1.66
CA LEU B 274 -33.34 -9.11 -2.42
C LEU B 274 -32.75 -10.46 -2.81
N ALA B 275 -32.93 -11.48 -1.98
CA ALA B 275 -32.32 -12.78 -2.23
C ALA B 275 -33.16 -13.69 -3.11
N ARG B 276 -34.40 -13.32 -3.41
CA ARG B 276 -35.35 -14.25 -4.01
C ARG B 276 -34.86 -14.83 -5.32
N ASP B 277 -34.20 -14.01 -6.15
CA ASP B 277 -33.86 -14.41 -7.51
C ASP B 277 -32.35 -14.49 -7.78
N ILE B 278 -31.52 -14.43 -6.73
CA ILE B 278 -30.10 -14.66 -6.91
C ILE B 278 -29.88 -16.09 -7.39
N GLY B 279 -28.94 -16.25 -8.32
CA GLY B 279 -28.64 -17.58 -8.81
C GLY B 279 -27.44 -17.63 -9.73
N SER B 280 -27.64 -18.19 -10.92
CA SER B 280 -26.56 -18.29 -11.91
C SER B 280 -27.18 -18.18 -13.30
N THR B 281 -26.56 -17.37 -14.15
CA THR B 281 -26.94 -17.34 -15.55
C THR B 281 -26.14 -18.39 -16.32
N SER B 282 -26.54 -18.61 -17.57
CA SER B 282 -25.78 -19.52 -18.43
C SER B 282 -24.34 -19.06 -18.58
N LYS B 283 -24.13 -17.75 -18.62
CA LYS B 283 -22.77 -17.21 -18.75
C LYS B 283 -21.93 -17.55 -17.53
N THR B 284 -22.50 -17.39 -16.33
CA THR B 284 -21.76 -17.68 -15.11
C THR B 284 -21.40 -19.16 -15.02
N LYS B 285 -22.25 -20.04 -15.52
CA LYS B 285 -21.92 -21.46 -15.55
C LYS B 285 -20.85 -21.76 -16.59
N ARG B 286 -20.95 -21.13 -17.77
CA ARG B 286 -19.92 -21.33 -18.80
C ARG B 286 -18.56 -20.87 -18.30
N ASN B 287 -18.51 -19.77 -17.56
CA ASN B 287 -17.25 -19.30 -17.00
C ASN B 287 -16.70 -20.27 -15.96
N ASP B 288 -17.58 -20.81 -15.12
CA ASP B 288 -17.13 -21.76 -14.10
C ASP B 288 -16.68 -23.07 -14.73
N GLU B 289 -17.40 -23.55 -15.74
CA GLU B 289 -16.97 -24.76 -16.44
C GLU B 289 -15.63 -24.55 -17.14
N ALA B 290 -15.43 -23.35 -17.70
CA ALA B 290 -14.17 -23.05 -18.39
C ALA B 290 -12.99 -23.13 -17.43
N ILE B 291 -13.12 -22.54 -16.25
CA ILE B 291 -12.03 -22.51 -15.28
C ILE B 291 -11.61 -23.93 -14.92
N LEU B 292 -12.58 -24.81 -14.69
CA LEU B 292 -12.24 -26.18 -14.33
C LEU B 292 -11.57 -26.92 -15.48
N LYS B 293 -12.07 -26.73 -16.70
CA LYS B 293 -11.44 -27.37 -17.85
C LYS B 293 -10.12 -26.72 -18.21
N PHE B 294 -10.00 -25.40 -18.00
CA PHE B 294 -8.73 -24.74 -18.27
C PHE B 294 -7.63 -25.26 -17.35
N ARG B 295 -7.99 -25.55 -16.09
CA ARG B 295 -7.01 -26.12 -15.16
C ARG B 295 -6.72 -27.58 -15.49
N GLU B 296 -7.71 -28.31 -16.01
CA GLU B 296 -7.45 -29.64 -16.57
C GLU B 296 -6.39 -29.56 -17.65
N LEU B 297 -6.55 -28.62 -18.58
CA LEU B 297 -5.56 -28.43 -19.65
C LEU B 297 -4.19 -28.11 -19.07
N ILE B 298 -4.13 -27.20 -18.10
CA ILE B 298 -2.85 -26.84 -17.48
C ILE B 298 -2.19 -28.08 -16.89
N ALA B 299 -2.97 -28.97 -16.28
CA ALA B 299 -2.41 -30.17 -15.69
C ALA B 299 -1.86 -31.12 -16.75
N SER B 300 -2.66 -31.40 -17.78
CA SER B 300 -2.23 -32.30 -18.85
C SER B 300 -1.02 -31.77 -19.61
N PHE B 301 -0.66 -30.50 -19.42
CA PHE B 301 0.47 -29.90 -20.12
C PHE B 301 1.80 -30.04 -19.38
N LEU B 302 1.80 -30.48 -18.11
CA LEU B 302 3.03 -30.48 -17.34
C LEU B 302 4.05 -31.49 -17.87
N PRO B 303 3.66 -32.69 -18.31
CA PRO B 303 4.65 -33.54 -19.00
C PRO B 303 5.45 -32.80 -20.05
N ALA B 304 4.75 -32.08 -20.94
CA ALA B 304 5.45 -31.31 -21.96
C ALA B 304 6.15 -30.09 -21.38
N LEU B 305 5.69 -29.59 -20.23
CA LEU B 305 6.38 -28.46 -19.60
C LEU B 305 7.74 -28.88 -19.06
N GLU B 306 7.82 -30.04 -18.42
CA GLU B 306 9.10 -30.53 -17.92
C GLU B 306 9.97 -31.09 -19.03
N ALA B 307 9.37 -31.58 -20.11
CA ALA B 307 10.14 -32.06 -21.25
C ALA B 307 10.88 -30.91 -21.95
N ASP B 308 10.14 -29.85 -22.28
CA ASP B 308 10.79 -28.64 -22.80
C ASP B 308 11.77 -28.05 -21.81
N ARG B 309 11.61 -28.34 -20.52
CA ARG B 309 12.47 -27.78 -19.49
C ARG B 309 13.81 -28.49 -19.45
N ILE B 310 13.81 -29.81 -19.60
CA ILE B 310 15.05 -30.56 -19.61
C ILE B 310 15.95 -30.09 -20.75
N ALA B 311 15.36 -29.83 -21.92
CA ALA B 311 16.11 -29.36 -23.07
C ALA B 311 16.73 -27.99 -22.82
N SER C 52 -20.53 12.18 -38.35
CA SER C 52 -19.80 13.43 -38.13
C SER C 52 -19.70 13.79 -36.66
N ASP C 53 -20.63 13.26 -35.86
CA ASP C 53 -20.87 13.79 -34.52
C ASP C 53 -19.90 13.28 -33.47
N LEU C 54 -19.05 12.30 -33.78
CA LEU C 54 -18.15 11.78 -32.76
C LEU C 54 -17.05 12.77 -32.40
N LYS C 55 -16.76 13.73 -33.28
CA LYS C 55 -15.72 14.75 -33.15
C LYS C 55 -14.49 14.21 -32.43
N PRO C 56 -13.74 13.29 -33.04
CA PRO C 56 -12.60 12.69 -32.34
C PRO C 56 -11.37 13.58 -32.39
N ILE C 57 -10.55 13.45 -31.35
CA ILE C 57 -9.29 14.17 -31.29
C ILE C 57 -8.22 13.38 -32.04
N ASP C 58 -7.30 14.10 -32.67
CA ASP C 58 -6.18 13.45 -33.34
C ASP C 58 -5.13 13.04 -32.32
N VAL C 59 -4.57 11.84 -32.50
CA VAL C 59 -3.51 11.33 -31.65
C VAL C 59 -2.29 11.08 -32.54
N GLU C 60 -1.22 11.83 -32.31
CA GLU C 60 -0.03 11.70 -33.13
C GLU C 60 0.76 10.45 -32.74
N VAL C 61 1.16 9.68 -33.75
CA VAL C 61 1.97 8.49 -33.53
C VAL C 61 3.26 8.88 -32.81
N GLN C 62 3.55 8.20 -31.70
CA GLN C 62 4.78 8.47 -30.95
C GLN C 62 5.10 7.23 -30.13
N ALA C 63 5.90 6.34 -30.72
CA ALA C 63 6.17 5.03 -30.14
C ALA C 63 6.83 5.16 -28.76
N PHE C 64 6.59 4.13 -27.93
CA PHE C 64 7.28 3.99 -26.65
C PHE C 64 8.57 3.20 -26.89
N THR C 65 9.70 3.83 -26.62
CA THR C 65 11.01 3.24 -26.84
C THR C 65 11.76 3.12 -25.51
N SER C 66 13.00 2.64 -25.59
CA SER C 66 13.86 2.68 -24.41
C SER C 66 14.29 4.10 -24.08
N ALA C 67 14.15 5.03 -25.02
CA ALA C 67 14.38 6.45 -24.67
C ALA C 67 13.27 6.86 -23.71
N SER C 68 12.14 6.16 -23.75
CA SER C 68 10.97 6.53 -22.92
C SER C 68 11.01 5.81 -21.56
N GLN C 69 11.88 4.80 -21.40
CA GLN C 69 12.07 4.14 -20.09
C GLN C 69 13.29 4.78 -19.42
N ASN C 70 14.41 4.90 -20.13
CA ASN C 70 15.64 5.60 -19.64
C ASN C 70 16.14 5.15 -18.26
N ILE C 71 16.20 3.85 -17.97
CA ILE C 71 16.81 3.42 -16.68
C ILE C 71 18.31 3.26 -16.91
N SER C 72 19.08 4.30 -16.66
CA SER C 72 20.55 4.26 -16.84
C SER C 72 21.18 3.25 -15.88
N ASN C 73 22.21 2.55 -16.35
CA ASN C 73 22.91 1.55 -15.50
C ASN C 73 23.73 2.31 -14.47
N PHE C 74 23.49 2.03 -13.19
CA PHE C 74 24.30 2.63 -12.15
C PHE C 74 25.51 1.75 -11.88
N THR C 75 26.69 2.35 -11.90
CA THR C 75 27.92 1.65 -11.57
C THR C 75 28.72 2.50 -10.59
N LEU C 76 29.30 1.83 -9.59
CA LEU C 76 30.19 2.54 -8.68
C LEU C 76 31.49 2.95 -9.34
N HIS C 77 31.75 2.46 -10.56
CA HIS C 77 33.00 2.75 -11.25
C HIS C 77 33.08 4.18 -11.78
N LYS C 78 31.97 4.91 -11.84
CA LYS C 78 32.00 6.31 -12.25
C LYS C 78 32.10 7.26 -11.07
N TYR C 79 32.32 6.75 -9.86
CA TYR C 79 32.39 7.58 -8.65
C TYR C 79 33.58 7.22 -7.77
N ARG C 80 34.61 6.58 -8.32
CA ARG C 80 35.60 5.94 -7.48
C ARG C 80 36.52 6.91 -6.75
N ASN C 81 36.65 8.16 -7.24
CA ASN C 81 37.62 9.10 -6.69
C ASN C 81 36.98 10.39 -6.19
N ILE C 82 35.67 10.40 -5.93
CA ILE C 82 35.02 11.65 -5.53
C ILE C 82 35.10 11.93 -4.05
N CYS C 83 35.56 10.97 -3.24
CA CYS C 83 35.54 11.11 -1.79
C CYS C 83 36.84 11.64 -1.23
N HIS C 84 36.72 12.55 -0.26
CA HIS C 84 37.71 12.70 0.78
C HIS C 84 37.32 11.74 1.90
N VAL C 85 38.24 10.86 2.28
CA VAL C 85 37.87 9.67 3.05
C VAL C 85 37.17 10.06 4.34
N ASP C 86 37.80 10.94 5.14
CA ASP C 86 37.22 11.28 6.44
C ASP C 86 35.91 12.02 6.30
N THR C 87 35.71 12.74 5.20
CA THR C 87 34.43 13.41 4.97
C THR C 87 33.33 12.40 4.68
N CYS C 88 33.61 11.42 3.83
CA CYS C 88 32.58 10.44 3.49
C CYS C 88 32.28 9.50 4.66
N ALA C 89 33.30 9.16 5.45
CA ALA C 89 33.06 8.37 6.65
C ALA C 89 32.21 9.13 7.65
N ALA C 90 32.34 10.45 7.70
CA ALA C 90 31.54 11.24 8.63
C ALA C 90 30.08 11.28 8.21
N HIS C 91 29.82 11.48 6.92
CA HIS C 91 28.46 11.40 6.41
C HIS C 91 27.84 10.04 6.71
N LEU C 92 28.63 8.97 6.52
CA LEU C 92 28.12 7.62 6.80
C LEU C 92 27.83 7.44 8.28
N SER C 93 28.66 8.03 9.14
CA SER C 93 28.43 7.94 10.58
C SER C 93 27.15 8.62 11.03
N LYS C 94 26.55 9.44 10.17
CA LYS C 94 25.29 10.12 10.46
C LYS C 94 24.17 9.64 9.55
N SER C 95 24.22 8.38 9.13
CA SER C 95 23.22 7.86 8.18
C SER C 95 21.82 7.93 8.77
N LYS C 96 21.69 7.66 10.06
CA LYS C 96 20.39 7.74 10.73
C LYS C 96 19.82 9.15 10.64
N GLU C 97 20.64 10.16 10.92
CA GLU C 97 20.17 11.54 10.91
C GLU C 97 20.03 12.10 9.51
N ASN C 98 20.89 11.67 8.57
CA ASN C 98 20.70 12.04 7.17
C ASN C 98 19.37 11.49 6.66
N LYS C 99 19.00 10.28 7.09
CA LYS C 99 17.74 9.68 6.67
C LYS C 99 16.56 10.42 7.27
N GLU C 100 16.68 10.86 8.54
CA GLU C 100 15.60 11.63 9.15
C GLU C 100 15.41 12.97 8.44
N LYS C 101 16.51 13.62 8.06
CA LYS C 101 16.40 14.91 7.38
C LYS C 101 15.87 14.78 5.96
N LEU C 102 16.13 13.64 5.30
CA LEU C 102 15.68 13.46 3.93
C LEU C 102 14.16 13.31 3.86
N GLN C 103 13.54 12.92 4.98
CA GLN C 103 12.08 12.84 5.03
C GLN C 103 11.44 14.21 4.76
N ALA C 104 12.08 15.27 5.23
CA ALA C 104 11.54 16.61 5.05
C ALA C 104 12.06 17.28 3.77
N ARG C 105 13.37 17.19 3.52
CA ARG C 105 13.99 17.93 2.43
C ARG C 105 15.01 17.05 1.71
N ASN C 106 15.33 17.46 0.49
CA ASN C 106 16.46 16.87 -0.21
C ASN C 106 17.77 17.37 0.41
N LEU C 107 18.83 16.59 0.22
CA LEU C 107 20.09 16.85 0.87
C LEU C 107 21.19 17.14 -0.15
N ARG C 108 22.06 18.09 0.20
CA ARG C 108 23.32 18.28 -0.51
C ARG C 108 24.45 17.87 0.42
N LEU C 109 25.20 16.85 0.03
CA LEU C 109 26.32 16.32 0.81
C LEU C 109 27.62 16.61 0.06
N ILE C 110 28.47 17.45 0.65
CA ILE C 110 29.81 17.67 0.12
C ILE C 110 30.67 16.47 0.48
N VAL C 111 31.27 15.85 -0.53
CA VAL C 111 32.08 14.66 -0.32
C VAL C 111 33.57 14.93 -0.51
N SER C 112 33.95 15.96 -1.25
CA SER C 112 35.33 16.43 -1.31
C SER C 112 35.30 17.90 -1.71
N SER C 113 36.49 18.49 -1.83
CA SER C 113 36.55 19.88 -2.29
C SER C 113 36.15 20.03 -3.75
N ASN C 114 35.99 18.93 -4.48
CA ASN C 114 35.63 18.98 -5.89
C ASN C 114 34.26 18.39 -6.19
N GLU C 115 33.60 17.76 -5.22
CA GLU C 115 32.39 17.00 -5.53
C GLU C 115 31.38 17.11 -4.40
N PHE C 116 30.10 17.04 -4.79
CA PHE C 116 29.00 16.91 -3.85
C PHE C 116 27.95 16.00 -4.48
N LEU C 117 27.11 15.44 -3.62
CA LEU C 117 25.98 14.62 -4.05
C LEU C 117 24.69 15.28 -3.59
N VAL C 118 23.65 15.16 -4.42
CA VAL C 118 22.30 15.57 -4.07
C VAL C 118 21.49 14.32 -3.84
N VAL C 119 21.12 14.12 -2.57
CA VAL C 119 20.38 12.90 -2.15
C VAL C 119 18.90 13.24 -2.17
N VAL C 120 18.11 12.36 -2.77
CA VAL C 120 16.66 12.67 -2.95
C VAL C 120 15.82 11.39 -2.82
N LYS C 121 14.56 11.49 -2.39
CA LYS C 121 13.66 10.29 -2.43
CA LYS C 121 13.66 10.29 -2.43
C LYS C 121 12.83 10.03 -3.73
N GLU C 122 13.21 8.86 -4.23
CA GLU C 122 12.70 8.31 -5.54
C GLU C 122 13.16 9.21 -6.69
N LEU C 123 14.34 8.91 -7.24
CA LEU C 123 14.92 9.74 -8.33
C LEU C 123 13.86 10.01 -9.39
N ASN C 124 13.64 11.29 -9.74
CA ASN C 124 12.71 11.61 -10.85
C ASN C 124 13.43 11.28 -12.16
N ASP C 125 13.55 9.99 -12.50
CA ASP C 125 14.35 9.56 -13.68
C ASP C 125 15.67 10.33 -13.69
N SER C 126 16.33 10.44 -12.53
CA SER C 126 17.56 11.28 -12.48
C SER C 126 18.64 10.65 -13.36
N THR C 127 18.88 11.25 -14.52
CA THR C 127 20.01 10.77 -15.35
C THR C 127 21.27 11.47 -14.81
N VAL C 128 21.09 12.57 -14.09
CA VAL C 128 22.26 13.34 -13.56
C VAL C 128 23.06 12.45 -12.62
N ASP C 129 24.38 12.46 -12.76
CA ASP C 129 25.25 11.56 -11.96
C ASP C 129 25.25 11.92 -10.48
N ASN C 130 25.27 13.21 -10.14
CA ASN C 130 25.40 13.64 -8.72
C ASN C 130 24.05 13.58 -7.99
N VAL C 131 22.96 13.38 -8.71
CA VAL C 131 21.62 13.27 -8.07
C VAL C 131 21.34 11.78 -7.83
N VAL C 132 21.35 11.36 -6.56
CA VAL C 132 21.25 9.90 -6.25
C VAL C 132 20.26 9.63 -5.12
N SER C 133 19.96 8.35 -4.90
CA SER C 133 19.06 7.95 -3.80
C SER C 133 19.88 7.84 -2.50
N PHE C 134 19.19 7.69 -1.38
CA PHE C 134 19.90 7.53 -0.08
C PHE C 134 20.83 6.32 -0.15
N ASN C 135 20.32 5.21 -0.64
CA ASN C 135 21.12 3.98 -0.63
C ASN C 135 22.28 4.09 -1.61
N LYS C 136 22.07 4.74 -2.75
CA LYS C 136 23.18 4.93 -3.69
C LYS C 136 24.22 5.90 -3.13
N ALA C 137 23.76 7.00 -2.52
CA ALA C 137 24.68 7.93 -1.88
C ALA C 137 25.52 7.22 -0.83
N CYS C 138 24.87 6.42 0.02
CA CYS C 138 25.60 5.69 1.06
C CYS C 138 26.60 4.71 0.45
N ALA C 139 26.21 4.02 -0.62
CA ALA C 139 27.12 3.08 -1.26
C ALA C 139 28.30 3.80 -1.89
N ILE C 140 28.06 4.94 -2.54
CA ILE C 140 29.15 5.70 -3.15
C ILE C 140 30.16 6.12 -2.10
N MET C 141 29.68 6.62 -0.96
CA MET C 141 30.59 7.08 0.08
C MET C 141 31.26 5.91 0.79
N SER C 142 30.57 4.79 0.94
CA SER C 142 31.19 3.61 1.52
C SER C 142 32.32 3.08 0.64
N ALA C 143 32.08 3.03 -0.68
CA ALA C 143 33.12 2.61 -1.60
C ALA C 143 34.33 3.53 -1.52
N GLY C 144 34.10 4.84 -1.33
CA GLY C 144 35.21 5.77 -1.20
C GLY C 144 36.10 5.47 -0.01
N VAL C 145 35.53 4.93 1.06
CA VAL C 145 36.31 4.57 2.24
C VAL C 145 36.94 3.19 2.09
N LEU C 146 36.18 2.22 1.56
CA LEU C 146 36.67 0.85 1.46
C LEU C 146 37.78 0.70 0.44
N LYS C 147 37.92 1.66 -0.49
CA LYS C 147 39.07 1.69 -1.37
C LYS C 147 40.38 1.72 -0.58
N HIS C 148 40.34 2.19 0.67
CA HIS C 148 41.52 2.32 1.51
C HIS C 148 41.58 1.32 2.65
N THR C 149 40.60 0.42 2.77
CA THR C 149 40.62 -0.62 3.79
C THR C 149 40.56 -2.03 3.24
N PHE C 150 39.96 -2.22 2.07
CA PHE C 150 39.98 -3.52 1.39
C PHE C 150 41.12 -3.50 0.38
N ASP C 151 42.00 -4.50 0.45
CA ASP C 151 43.14 -4.55 -0.46
C ASP C 151 42.76 -4.98 -1.86
N GLU C 152 41.63 -5.67 -2.03
CA GLU C 152 41.30 -6.27 -3.31
C GLU C 152 39.85 -5.98 -3.69
N GLU C 153 39.60 -5.99 -5.00
CA GLU C 153 38.28 -5.78 -5.58
C GLU C 153 38.11 -6.72 -6.74
N PHE C 154 36.87 -6.87 -7.21
CA PHE C 154 36.54 -7.88 -8.20
C PHE C 154 36.63 -7.33 -9.62
N ASP C 155 37.28 -8.09 -10.49
CA ASP C 155 37.31 -7.83 -11.92
C ASP C 155 36.40 -8.84 -12.60
N TRP C 156 35.25 -8.36 -13.12
CA TRP C 156 34.26 -9.28 -13.67
C TRP C 156 34.63 -9.80 -15.05
N LYS C 157 35.54 -9.12 -15.76
CA LYS C 157 36.01 -9.68 -17.02
C LYS C 157 37.05 -10.76 -16.80
N LEU C 158 37.75 -10.72 -15.67
CA LEU C 158 38.68 -11.77 -15.31
C LEU C 158 38.09 -12.77 -14.34
N SER C 159 36.90 -12.50 -13.79
CA SER C 159 36.20 -13.41 -12.89
C SER C 159 37.03 -13.72 -11.65
N LYS C 160 37.66 -12.70 -11.10
CA LYS C 160 38.57 -12.89 -9.98
C LYS C 160 38.67 -11.60 -9.19
N TYR C 161 39.27 -11.71 -8.00
CA TYR C 161 39.69 -10.53 -7.25
C TYR C 161 41.06 -10.07 -7.73
N VAL C 162 41.25 -8.76 -7.78
CA VAL C 162 42.53 -8.16 -8.16
C VAL C 162 42.92 -7.15 -7.10
N LYS C 163 44.18 -6.73 -7.15
CA LYS C 163 44.65 -5.69 -6.24
C LYS C 163 44.03 -4.36 -6.61
N THR C 164 43.75 -3.53 -5.61
CA THR C 164 43.19 -2.20 -5.83
C THR C 164 44.32 -1.19 -6.00
N ASN C 165 44.28 -0.42 -7.08
CA ASN C 165 45.39 0.54 -7.36
C ASN C 165 45.22 1.80 -6.52
N ASN C 166 45.87 1.85 -5.36
CA ASN C 166 45.76 3.02 -4.45
C ASN C 166 47.13 3.68 -4.26
N THR C 167 47.37 4.79 -4.96
CA THR C 167 48.64 5.54 -4.83
C THR C 167 48.74 6.14 -3.42
N THR C 168 47.65 6.68 -2.93
CA THR C 168 47.64 7.32 -1.58
C THR C 168 46.92 6.39 -0.61
N LYS C 169 47.64 5.77 0.31
CA LYS C 169 46.89 4.97 1.31
C LYS C 169 46.50 5.86 2.48
N VAL C 170 45.21 5.93 2.75
CA VAL C 170 44.69 6.81 3.83
C VAL C 170 44.05 5.91 4.88
N ILE C 171 44.26 6.22 6.16
CA ILE C 171 43.57 5.46 7.24
C ILE C 171 42.30 6.23 7.64
N PRO C 172 41.06 5.67 7.58
CA PRO C 172 39.89 6.41 8.08
C PRO C 172 40.07 6.79 9.54
N ASP C 173 39.67 8.00 9.88
CA ASP C 173 39.77 8.50 11.25
C ASP C 173 39.10 7.53 12.21
N VAL C 174 39.90 6.87 13.05
CA VAL C 174 39.38 5.84 13.95
C VAL C 174 38.46 6.40 15.02
N LYS C 175 38.37 7.72 15.15
CA LYS C 175 37.46 8.31 16.12
C LYS C 175 36.03 8.40 15.59
N ILE C 176 35.83 8.32 14.28
CA ILE C 176 34.49 8.31 13.71
C ILE C 176 33.87 6.94 13.95
N ILE C 177 32.69 6.93 14.57
CA ILE C 177 32.05 5.70 15.03
C ILE C 177 30.88 5.35 14.11
N ASN C 178 30.79 4.07 13.75
CA ASN C 178 29.66 3.55 12.99
C ASN C 178 28.78 2.77 13.96
N ARG C 179 27.61 3.34 14.29
CA ARG C 179 26.71 2.70 15.24
C ARG C 179 26.18 1.38 14.71
N LEU C 180 25.96 1.28 13.40
CA LEU C 180 25.48 0.04 12.81
C LEU C 180 26.52 -1.07 12.98
N ALA C 181 27.78 -0.78 12.65
CA ALA C 181 28.83 -1.77 12.84
C ALA C 181 29.07 -2.08 14.30
N GLY C 182 28.90 -1.09 15.19
CA GLY C 182 29.02 -1.36 16.60
C GLY C 182 27.94 -2.28 17.13
N GLN C 183 26.77 -2.26 16.49
CA GLN C 183 25.69 -3.16 16.88
C GLN C 183 26.01 -4.61 16.53
N MET C 184 26.79 -4.82 15.47
CA MET C 184 27.28 -6.16 15.14
C MET C 184 28.44 -6.60 16.01
N GLY C 185 28.99 -5.70 16.83
CA GLY C 185 30.17 -6.02 17.62
C GLY C 185 31.48 -5.64 16.97
N LEU C 186 31.45 -4.97 15.83
CA LEU C 186 32.68 -4.50 15.18
C LEU C 186 33.20 -3.26 15.89
N SER C 187 34.51 -3.07 15.81
CA SER C 187 35.17 -1.93 16.45
C SER C 187 35.84 -1.06 15.40
N ALA C 188 35.92 0.23 15.69
CA ALA C 188 36.60 1.18 14.81
C ALA C 188 38.01 0.70 14.51
N GLY C 189 38.41 0.81 13.24
CA GLY C 189 39.65 0.29 12.76
C GLY C 189 39.52 -1.00 11.98
N ASN C 190 38.41 -1.72 12.16
CA ASN C 190 38.13 -2.90 11.38
C ASN C 190 38.03 -2.53 9.90
N PRO C 191 38.63 -3.31 9.00
CA PRO C 191 38.49 -2.99 7.57
C PRO C 191 37.04 -3.01 7.10
N TYR C 192 36.20 -3.85 7.70
CA TYR C 192 34.79 -3.94 7.33
C TYR C 192 33.94 -2.83 7.93
N TYR C 193 34.52 -1.97 8.77
CA TYR C 193 33.74 -1.03 9.57
C TYR C 193 32.76 -0.22 8.72
N TRP C 194 33.23 0.39 7.64
CA TRP C 194 32.42 1.27 6.83
C TRP C 194 31.76 0.56 5.65
N MET C 195 31.70 -0.75 5.69
CA MET C 195 30.80 -1.50 4.81
C MET C 195 29.41 -1.66 5.41
N ILE C 196 29.31 -1.58 6.74
CA ILE C 196 28.04 -1.75 7.45
C ILE C 196 27.24 -0.45 7.35
N VAL C 197 26.62 -0.24 6.19
CA VAL C 197 25.91 1.00 5.89
C VAL C 197 24.63 0.67 5.14
N PRO C 198 23.67 1.60 5.12
CA PRO C 198 22.48 1.40 4.28
C PRO C 198 22.86 1.30 2.81
N GLY C 199 22.08 0.51 2.07
CA GLY C 199 22.34 0.32 0.66
C GLY C 199 23.65 -0.36 0.35
N TYR C 200 24.21 -1.10 1.31
CA TYR C 200 25.49 -1.78 1.10
C TYR C 200 25.45 -2.74 -0.08
N GLU C 201 24.26 -3.19 -0.48
CA GLU C 201 24.16 -4.21 -1.52
C GLU C 201 24.74 -3.73 -2.84
N PHE C 202 24.73 -2.42 -3.10
CA PHE C 202 25.34 -1.89 -4.31
C PHE C 202 26.83 -2.17 -4.37
N LEU C 203 27.48 -2.36 -3.22
CA LEU C 203 28.91 -2.67 -3.19
C LEU C 203 29.22 -4.07 -3.73
N TYR C 204 28.20 -4.87 -4.05
CA TYR C 204 28.42 -6.23 -4.53
C TYR C 204 29.31 -6.24 -5.77
N GLU C 205 29.18 -5.23 -6.63
CA GLU C 205 29.95 -5.20 -7.87
C GLU C 205 31.43 -4.96 -7.63
N LEU C 206 31.81 -4.48 -6.44
CA LEU C 206 33.22 -4.32 -6.08
C LEU C 206 33.69 -5.39 -5.11
N TYR C 207 32.85 -5.77 -4.14
CA TYR C 207 33.24 -6.69 -3.06
C TYR C 207 32.16 -7.76 -2.89
N PRO C 208 31.97 -8.62 -3.90
CA PRO C 208 30.84 -9.56 -3.84
C PRO C 208 30.86 -10.51 -2.65
N ALA C 209 32.02 -11.12 -2.36
CA ALA C 209 32.08 -12.07 -1.26
C ALA C 209 31.86 -11.39 0.09
N GLU C 210 32.33 -10.15 0.24
CA GLU C 210 32.12 -9.44 1.50
C GLU C 210 30.67 -8.99 1.65
N VAL C 211 30.04 -8.58 0.55
CA VAL C 211 28.65 -8.15 0.60
C VAL C 211 27.73 -9.33 0.90
N LEU C 212 27.98 -10.47 0.24
CA LEU C 212 27.16 -11.65 0.48
C LEU C 212 27.31 -12.14 1.91
N ALA C 213 28.54 -12.12 2.44
CA ALA C 213 28.77 -12.60 3.81
C ALA C 213 28.00 -11.75 4.82
N TYR C 214 27.94 -10.44 4.60
CA TYR C 214 27.16 -9.58 5.48
C TYR C 214 25.67 -9.91 5.40
N THR C 215 25.17 -10.16 4.19
CA THR C 215 23.79 -10.60 4.04
C THR C 215 23.54 -11.90 4.78
N LEU C 216 24.52 -12.81 4.78
CA LEU C 216 24.38 -14.05 5.53
C LEU C 216 24.26 -13.78 7.03
N VAL C 217 25.06 -12.86 7.55
CA VAL C 217 24.99 -12.52 8.97
C VAL C 217 23.66 -11.89 9.30
N ARG C 218 23.13 -11.06 8.40
CA ARG C 218 21.82 -10.47 8.61
C ARG C 218 20.72 -11.53 8.63
N LEU C 219 20.80 -12.49 7.71
CA LEU C 219 19.79 -13.55 7.65
C LEU C 219 19.86 -14.43 8.88
N GLN C 220 21.06 -14.81 9.32
CA GLN C 220 21.19 -15.70 10.47
C GLN C 220 20.79 -15.01 11.75
N TYR C 221 21.33 -13.81 12.00
CA TYR C 221 21.25 -13.16 13.31
C TYR C 221 20.20 -12.06 13.36
N ARG C 222 19.04 -12.29 12.75
CA ARG C 222 17.92 -11.35 12.79
C ARG C 222 17.73 -10.75 14.18
N LYS C 223 17.61 -11.62 15.18
CA LYS C 223 17.27 -11.17 16.53
C LYS C 223 18.37 -10.30 17.11
N ASN C 224 19.63 -10.73 16.95
CA ASN C 224 20.74 -9.96 17.50
C ASN C 224 20.84 -8.57 16.88
N LEU C 225 20.41 -8.43 15.63
CA LEU C 225 20.56 -7.18 14.90
C LEU C 225 19.28 -6.35 14.90
N ASN C 226 18.31 -6.70 15.77
CA ASN C 226 17.11 -5.89 16.00
C ASN C 226 16.29 -5.73 14.73
N ILE C 227 16.26 -6.76 13.90
CA ILE C 227 15.53 -6.70 12.63
C ILE C 227 14.05 -7.00 12.91
N PRO C 228 13.13 -6.17 12.44
CA PRO C 228 11.71 -6.38 12.75
C PRO C 228 11.17 -7.66 12.13
N ASP C 229 10.14 -8.21 12.79
CA ASP C 229 9.42 -9.35 12.23
C ASP C 229 8.68 -8.98 10.96
N SER C 230 8.36 -7.70 10.76
CA SER C 230 7.71 -7.26 9.54
C SER C 230 8.60 -7.44 8.31
N MET C 231 9.88 -7.74 8.49
CA MET C 231 10.80 -7.99 7.39
C MET C 231 10.93 -9.51 7.22
N THR C 232 10.37 -10.02 6.12
CA THR C 232 10.52 -11.44 5.82
C THR C 232 11.98 -11.76 5.52
N ASP C 233 12.30 -13.05 5.54
CA ASP C 233 13.64 -13.47 5.12
C ASP C 233 13.90 -13.08 3.67
N ALA C 234 12.85 -13.06 2.84
CA ALA C 234 13.00 -12.56 1.47
C ALA C 234 13.34 -11.08 1.47
N ASP C 235 12.70 -10.29 2.35
CA ASP C 235 13.02 -8.87 2.45
C ASP C 235 14.50 -8.65 2.73
N ILE C 236 15.13 -9.55 3.49
CA ILE C 236 16.53 -9.37 3.85
C ILE C 236 17.43 -9.56 2.64
N VAL C 237 17.15 -10.57 1.82
CA VAL C 237 18.04 -10.93 0.71
C VAL C 237 17.65 -10.30 -0.62
N SER C 238 16.47 -9.69 -0.72
CA SER C 238 15.91 -9.38 -2.04
C SER C 238 16.78 -8.40 -2.81
N SER C 239 17.27 -7.34 -2.17
CA SER C 239 18.07 -6.35 -2.88
C SER C 239 19.36 -6.97 -3.41
N LEU C 240 20.02 -7.76 -2.58
CA LEU C 240 21.23 -8.45 -3.04
C LEU C 240 20.93 -9.38 -4.20
N VAL C 241 19.79 -10.08 -4.15
CA VAL C 241 19.45 -11.03 -5.20
C VAL C 241 19.19 -10.29 -6.51
N MET C 242 18.59 -9.10 -6.44
CA MET C 242 18.44 -8.28 -7.64
C MET C 242 19.79 -7.91 -8.24
N LYS C 243 20.76 -7.55 -7.38
CA LYS C 243 22.09 -7.23 -7.86
C LYS C 243 22.76 -8.45 -8.47
N MET C 244 22.65 -9.61 -7.82
CA MET C 244 23.24 -10.82 -8.36
C MET C 244 22.59 -11.23 -9.67
N ASN C 245 21.27 -11.04 -9.78
CA ASN C 245 20.57 -11.37 -11.01
C ASN C 245 21.08 -10.51 -12.17
N ARG C 246 21.26 -9.21 -11.92
CA ARG C 246 21.72 -8.31 -12.97
C ARG C 246 23.11 -8.70 -13.46
N ILE C 247 23.98 -9.12 -12.56
CA ILE C 247 25.37 -9.42 -12.91
C ILE C 247 25.52 -10.85 -13.41
N HIS C 248 25.00 -11.81 -12.65
CA HIS C 248 25.21 -13.23 -12.98
C HIS C 248 24.23 -13.77 -14.00
N LYS C 249 23.16 -13.02 -14.32
CA LYS C 249 22.10 -13.51 -15.21
C LYS C 249 21.50 -14.80 -14.66
N LEU C 250 20.84 -14.68 -13.52
CA LEU C 250 20.41 -15.85 -12.76
C LEU C 250 19.25 -16.59 -13.43
N GLU C 251 18.65 -16.04 -14.48
CA GLU C 251 17.71 -16.82 -15.26
C GLU C 251 18.43 -17.94 -16.02
N GLN C 252 19.67 -17.68 -16.44
CA GLN C 252 20.45 -18.65 -17.19
C GLN C 252 21.71 -19.07 -16.44
N THR C 253 21.73 -18.89 -15.12
CA THR C 253 22.85 -19.32 -14.28
C THR C 253 22.33 -19.72 -12.91
N SER C 254 23.01 -20.71 -12.30
CA SER C 254 22.64 -21.20 -10.99
C SER C 254 23.35 -20.40 -9.90
N PHE C 255 22.80 -20.47 -8.68
CA PHE C 255 23.45 -19.80 -7.55
C PHE C 255 24.81 -20.40 -7.26
N ASP C 256 24.99 -21.71 -7.51
CA ASP C 256 26.29 -22.33 -7.21
C ASP C 256 27.33 -21.93 -8.24
N GLU C 257 26.93 -21.75 -9.50
CA GLU C 257 27.83 -21.18 -10.49
C GLU C 257 28.33 -19.81 -10.03
N ALA C 258 27.41 -18.95 -9.63
CA ALA C 258 27.78 -17.61 -9.17
C ALA C 258 28.68 -17.67 -7.94
N LEU C 259 28.31 -18.52 -6.97
CA LEU C 259 29.08 -18.57 -5.73
C LEU C 259 30.47 -19.15 -5.94
N ASN C 260 30.65 -20.01 -6.94
CA ASN C 260 31.98 -20.56 -7.19
C ASN C 260 32.85 -19.60 -7.98
N LEU C 261 32.25 -18.68 -8.76
CA LEU C 261 33.06 -17.73 -9.50
C LEU C 261 33.60 -16.64 -8.58
N ILE C 262 32.78 -16.20 -7.62
CA ILE C 262 33.30 -15.27 -6.63
C ILE C 262 34.11 -16.00 -5.57
N GLY C 263 33.80 -17.27 -5.32
CA GLY C 263 34.61 -18.07 -4.41
C GLY C 263 34.03 -18.26 -3.02
N LYS C 264 33.60 -19.49 -2.72
CA LYS C 264 32.98 -19.76 -1.42
C LYS C 264 33.96 -19.60 -0.27
N ASP C 265 35.26 -19.83 -0.51
CA ASP C 265 36.24 -19.60 0.54
C ASP C 265 36.40 -18.11 0.84
N ASN C 266 36.23 -17.26 -0.18
CA ASN C 266 36.22 -15.82 0.07
C ASN C 266 35.03 -15.44 0.93
N VAL C 267 33.85 -15.98 0.61
CA VAL C 267 32.65 -15.72 1.40
C VAL C 267 32.85 -16.16 2.84
N SER C 268 33.46 -17.33 3.04
CA SER C 268 33.58 -17.89 4.38
C SER C 268 34.51 -17.05 5.24
N GLU C 269 35.64 -16.61 4.68
CA GLU C 269 36.55 -15.73 5.42
C GLU C 269 35.83 -14.49 5.89
N ALA C 270 35.07 -13.85 4.99
CA ALA C 270 34.33 -12.64 5.37
C ALA C 270 33.24 -12.96 6.39
N TYR C 271 32.52 -14.06 6.18
CA TYR C 271 31.48 -14.46 7.13
C TYR C 271 32.04 -14.65 8.54
N VAL C 272 33.22 -15.27 8.64
CA VAL C 272 33.82 -15.50 9.95
C VAL C 272 34.17 -14.18 10.62
N GLU C 273 34.71 -13.23 9.85
CA GLU C 273 35.04 -11.92 10.40
C GLU C 273 33.80 -11.21 10.92
N LEU C 274 32.73 -11.21 10.13
CA LEU C 274 31.54 -10.44 10.49
C LEU C 274 30.73 -11.11 11.60
N ALA C 275 30.81 -12.44 11.72
CA ALA C 275 30.02 -13.16 12.70
C ALA C 275 30.77 -13.41 14.01
N ARG C 276 32.05 -13.06 14.09
CA ARG C 276 32.87 -13.47 15.23
C ARG C 276 32.37 -12.89 16.54
N ASP C 277 31.96 -11.61 16.53
CA ASP C 277 31.63 -10.90 17.76
C ASP C 277 30.15 -10.60 17.93
N ILE C 278 29.29 -11.25 17.13
CA ILE C 278 27.85 -11.07 17.32
C ILE C 278 27.47 -11.48 18.73
N GLY C 279 26.60 -10.69 19.36
CA GLY C 279 26.20 -11.03 20.71
C GLY C 279 25.09 -10.19 21.31
N SER C 280 25.32 -9.70 22.53
CA SER C 280 24.31 -9.02 23.31
C SER C 280 24.98 -8.00 24.21
N THR C 281 24.33 -6.85 24.35
CA THR C 281 24.77 -5.88 25.35
C THR C 281 23.85 -5.96 26.57
N SER C 282 24.28 -5.31 27.65
CA SER C 282 23.43 -5.20 28.83
C SER C 282 22.11 -4.52 28.47
N LYS C 283 22.16 -3.55 27.56
CA LYS C 283 20.95 -2.84 27.17
C LYS C 283 19.94 -3.76 26.50
N THR C 284 20.40 -4.65 25.61
CA THR C 284 19.46 -5.47 24.85
C THR C 284 18.84 -6.56 25.72
N LYS C 285 19.57 -7.05 26.71
CA LYS C 285 18.96 -7.98 27.66
C LYS C 285 17.94 -7.27 28.53
N ARG C 286 18.24 -6.03 28.94
CA ARG C 286 17.28 -5.24 29.72
C ARG C 286 15.96 -5.10 28.96
N ASN C 287 16.04 -4.73 27.68
CA ASN C 287 14.84 -4.60 26.87
C ASN C 287 14.10 -5.94 26.77
N ASP C 288 14.84 -7.03 26.54
CA ASP C 288 14.19 -8.33 26.40
C ASP C 288 13.54 -8.78 27.70
N GLU C 289 14.21 -8.56 28.84
CA GLU C 289 13.58 -8.84 30.12
C GLU C 289 12.37 -7.95 30.34
N ALA C 290 12.48 -6.67 29.98
CA ALA C 290 11.36 -5.75 30.15
C ALA C 290 10.15 -6.21 29.36
N ILE C 291 10.37 -6.71 28.14
CA ILE C 291 9.25 -7.17 27.32
C ILE C 291 8.54 -8.35 27.98
N LEU C 292 9.31 -9.26 28.58
CA LEU C 292 8.71 -10.40 29.26
C LEU C 292 7.89 -9.96 30.46
N LYS C 293 8.47 -9.12 31.32
CA LYS C 293 7.75 -8.65 32.49
C LYS C 293 6.53 -7.82 32.10
N PHE C 294 6.69 -6.97 31.07
CA PHE C 294 5.56 -6.13 30.67
C PHE C 294 4.36 -6.97 30.26
N ARG C 295 4.60 -8.09 29.57
CA ARG C 295 3.50 -8.97 29.20
C ARG C 295 2.93 -9.69 30.41
N GLU C 296 3.78 -10.04 31.38
CA GLU C 296 3.31 -10.56 32.66
C GLU C 296 2.31 -9.60 33.29
N LEU C 297 2.65 -8.31 33.33
CA LEU C 297 1.75 -7.30 33.86
C LEU C 297 0.44 -7.27 33.08
N ILE C 298 0.53 -7.25 31.74
CA ILE C 298 -0.67 -7.17 30.91
C ILE C 298 -1.61 -8.33 31.23
N ALA C 299 -1.04 -9.52 31.45
CA ALA C 299 -1.85 -10.67 31.84
C ALA C 299 -2.49 -10.45 33.20
N SER C 300 -1.72 -9.94 34.17
CA SER C 300 -2.25 -9.63 35.49
C SER C 300 -3.52 -8.80 35.39
N PHE C 301 -3.57 -7.88 34.43
CA PHE C 301 -4.59 -6.85 34.39
C PHE C 301 -5.85 -7.28 33.65
N LEU C 302 -5.85 -8.47 33.05
CA LEU C 302 -7.04 -8.91 32.32
C LEU C 302 -8.28 -9.05 33.21
N PRO C 303 -8.20 -9.52 34.46
CA PRO C 303 -9.36 -9.41 35.35
C PRO C 303 -9.90 -7.99 35.44
N ALA C 304 -9.05 -7.01 35.72
CA ALA C 304 -9.51 -5.64 35.89
C ALA C 304 -10.09 -5.08 34.60
N LEU C 305 -9.58 -5.50 33.44
CA LEU C 305 -10.14 -4.97 32.21
C LEU C 305 -11.49 -5.58 31.90
N GLU C 306 -11.66 -6.90 32.13
CA GLU C 306 -12.97 -7.52 31.94
C GLU C 306 -13.99 -6.97 32.92
N ALA C 307 -13.60 -6.82 34.19
CA ALA C 307 -14.48 -6.18 35.16
C ALA C 307 -14.93 -4.81 34.67
N ASP C 308 -14.01 -4.05 34.06
CA ASP C 308 -14.32 -2.70 33.62
C ASP C 308 -15.25 -2.69 32.41
N ARG C 309 -15.18 -3.73 31.56
CA ARG C 309 -15.96 -3.68 30.32
C ARG C 309 -17.44 -3.94 30.53
N ILE C 310 -17.80 -4.91 31.37
CA ILE C 310 -19.23 -5.17 31.55
C ILE C 310 -19.86 -4.08 32.42
N ALA C 311 -19.12 -3.55 33.40
CA ALA C 311 -19.55 -2.34 34.09
C ALA C 311 -19.97 -1.28 33.07
N SER C 312 -19.16 -1.07 32.05
CA SER C 312 -19.55 -0.31 30.88
C SER C 312 -20.46 -1.13 29.98
N ASP D 53 -10.35 25.13 -10.53
CA ASP D 53 -9.11 24.37 -10.38
C ASP D 53 -9.30 22.90 -10.77
N LEU D 54 -10.49 22.36 -10.48
CA LEU D 54 -10.73 20.93 -10.64
C LEU D 54 -10.93 20.51 -12.10
N LYS D 55 -11.13 21.46 -13.03
CA LYS D 55 -11.30 21.22 -14.46
C LYS D 55 -12.10 19.95 -14.76
N PRO D 56 -13.39 19.91 -14.43
CA PRO D 56 -14.16 18.69 -14.69
C PRO D 56 -14.65 18.62 -16.13
N ILE D 57 -14.61 17.41 -16.69
CA ILE D 57 -15.24 17.19 -17.98
C ILE D 57 -16.73 17.04 -17.77
N ASP D 58 -17.50 17.54 -18.74
CA ASP D 58 -18.95 17.36 -18.71
C ASP D 58 -19.28 15.96 -19.22
N VAL D 59 -20.14 15.27 -18.48
CA VAL D 59 -20.55 13.91 -18.83
C VAL D 59 -21.99 13.99 -19.34
N GLU D 60 -22.17 13.65 -20.61
CA GLU D 60 -23.50 13.71 -21.21
C GLU D 60 -24.39 12.62 -20.62
N VAL D 61 -25.60 13.00 -20.22
CA VAL D 61 -26.58 12.05 -19.72
C VAL D 61 -27.01 11.14 -20.87
N GLN D 62 -26.80 9.83 -20.70
CA GLN D 62 -27.21 8.86 -21.73
C GLN D 62 -27.38 7.51 -21.04
N ALA D 63 -28.64 7.14 -20.79
CA ALA D 63 -28.95 5.98 -19.97
C ALA D 63 -28.53 4.68 -20.64
N PHE D 64 -28.16 3.71 -19.82
CA PHE D 64 -27.94 2.35 -20.29
C PHE D 64 -29.29 1.66 -20.48
N THR D 65 -29.55 1.18 -21.69
CA THR D 65 -30.76 0.46 -22.02
C THR D 65 -30.38 -0.85 -22.70
N SER D 66 -31.39 -1.64 -23.06
CA SER D 66 -31.16 -2.91 -23.78
C SER D 66 -30.61 -2.62 -25.19
N ALA D 67 -30.86 -1.43 -25.72
CA ALA D 67 -30.35 -1.02 -27.05
C ALA D 67 -28.91 -0.51 -26.95
N SER D 68 -28.35 -0.37 -25.75
CA SER D 68 -27.03 0.27 -25.58
C SER D 68 -25.86 -0.53 -26.15
N GLN D 69 -25.96 -1.84 -26.26
CA GLN D 69 -24.78 -2.65 -26.68
C GLN D 69 -24.81 -3.06 -28.16
N ASN D 70 -23.71 -2.84 -28.89
CA ASN D 70 -23.63 -3.37 -30.28
C ASN D 70 -23.43 -4.89 -30.16
N ILE D 71 -24.46 -5.66 -30.52
CA ILE D 71 -24.37 -7.16 -30.52
C ILE D 71 -23.93 -7.56 -31.93
N SER D 72 -23.56 -6.58 -32.75
CA SER D 72 -23.25 -6.84 -34.18
C SER D 72 -21.98 -7.66 -34.39
N ASN D 73 -21.95 -8.46 -35.46
CA ASN D 73 -20.78 -9.31 -35.77
C ASN D 73 -19.50 -8.49 -35.95
N PHE D 74 -18.39 -9.01 -35.48
CA PHE D 74 -17.09 -8.36 -35.70
C PHE D 74 -16.15 -9.42 -36.25
N THR D 75 -15.55 -9.14 -37.40
CA THR D 75 -14.55 -10.08 -37.94
C THR D 75 -13.26 -9.32 -38.22
N LEU D 76 -12.14 -9.83 -37.75
CA LEU D 76 -10.87 -9.20 -38.06
C LEU D 76 -10.55 -9.32 -39.54
N HIS D 77 -11.27 -10.18 -40.27
CA HIS D 77 -10.98 -10.41 -41.68
C HIS D 77 -11.32 -9.21 -42.55
N LYS D 78 -12.10 -8.26 -42.07
CA LYS D 78 -12.29 -7.09 -42.93
C LYS D 78 -11.30 -5.99 -42.58
N TYR D 79 -10.28 -6.26 -41.75
CA TYR D 79 -9.25 -5.30 -41.41
C TYR D 79 -7.84 -5.84 -41.63
N ARG D 80 -7.66 -6.80 -42.53
CA ARG D 80 -6.39 -7.53 -42.56
C ARG D 80 -5.23 -6.69 -43.05
N ASN D 81 -5.49 -5.67 -43.88
CA ASN D 81 -4.42 -4.95 -44.56
C ASN D 81 -4.35 -3.46 -44.24
N ILE D 82 -5.04 -3.00 -43.18
CA ILE D 82 -5.12 -1.55 -42.96
C ILE D 82 -3.90 -0.99 -42.23
N CYS D 83 -3.05 -1.83 -41.64
CA CYS D 83 -1.96 -1.34 -40.81
C CYS D 83 -0.68 -1.16 -41.60
N HIS D 84 0.02 -0.07 -41.31
CA HIS D 84 1.47 0.00 -41.49
C HIS D 84 2.08 -0.50 -40.19
N VAL D 85 2.90 -1.56 -40.29
CA VAL D 85 3.19 -2.40 -39.13
C VAL D 85 3.76 -1.58 -37.97
N ASP D 86 4.82 -0.82 -38.23
CA ASP D 86 5.46 -0.07 -37.15
C ASP D 86 4.53 1.00 -36.58
N THR D 87 3.62 1.53 -37.42
CA THR D 87 2.67 2.52 -36.92
C THR D 87 1.73 1.92 -35.89
N CYS D 88 1.13 0.76 -36.22
CA CYS D 88 0.21 0.12 -35.29
C CYS D 88 0.95 -0.38 -34.05
N ALA D 89 2.17 -0.89 -34.22
CA ALA D 89 2.99 -1.25 -33.08
C ALA D 89 3.25 -0.03 -32.19
N ALA D 90 3.38 1.15 -32.79
CA ALA D 90 3.62 2.36 -32.02
C ALA D 90 2.39 2.78 -31.25
N HIS D 91 1.21 2.63 -31.85
CA HIS D 91 -0.03 2.90 -31.13
C HIS D 91 -0.20 1.91 -29.98
N LEU D 92 0.06 0.62 -30.24
CA LEU D 92 -0.08 -0.40 -29.22
C LEU D 92 0.88 -0.17 -28.05
N SER D 93 2.07 0.35 -28.33
CA SER D 93 3.01 0.67 -27.27
C SER D 93 2.54 1.81 -26.38
N LYS D 94 1.51 2.54 -26.81
CA LYS D 94 0.94 3.64 -26.03
C LYS D 94 -0.50 3.33 -25.61
N SER D 95 -0.82 2.05 -25.42
CA SER D 95 -2.19 1.65 -25.10
C SER D 95 -2.66 2.28 -23.81
N LYS D 96 -1.78 2.36 -22.80
CA LYS D 96 -2.13 2.98 -21.53
C LYS D 96 -2.54 4.44 -21.72
N GLU D 97 -1.73 5.20 -22.46
CA GLU D 97 -1.98 6.62 -22.61
C GLU D 97 -3.16 6.89 -23.54
N ASN D 98 -3.36 6.03 -24.54
CA ASN D 98 -4.54 6.18 -25.40
C ASN D 98 -5.82 5.97 -24.60
N LYS D 99 -5.83 4.99 -23.70
CA LYS D 99 -7.02 4.74 -22.88
C LYS D 99 -7.31 5.91 -21.96
N GLU D 100 -6.26 6.53 -21.40
CA GLU D 100 -6.46 7.72 -20.57
C GLU D 100 -7.08 8.85 -21.39
N LYS D 101 -6.59 9.06 -22.60
CA LYS D 101 -7.17 10.08 -23.48
C LYS D 101 -8.62 9.74 -23.83
N LEU D 102 -8.92 8.45 -24.00
CA LEU D 102 -10.23 8.04 -24.45
C LEU D 102 -11.33 8.36 -23.44
N GLN D 103 -10.99 8.54 -22.16
CA GLN D 103 -12.01 8.88 -21.17
C GLN D 103 -12.61 10.25 -21.42
N ALA D 104 -11.84 11.17 -22.01
CA ALA D 104 -12.30 12.53 -22.26
C ALA D 104 -12.82 12.74 -23.67
N ARG D 105 -12.16 12.17 -24.67
CA ARG D 105 -12.55 12.38 -26.06
C ARG D 105 -12.44 11.06 -26.83
N ASN D 106 -13.20 10.99 -27.93
CA ASN D 106 -12.96 9.94 -28.91
C ASN D 106 -11.63 10.19 -29.61
N LEU D 107 -11.01 9.12 -30.08
CA LEU D 107 -9.66 9.19 -30.64
C LEU D 107 -9.69 8.85 -32.13
N ARG D 108 -8.90 9.58 -32.91
CA ARG D 108 -8.65 9.27 -34.31
C ARG D 108 -7.22 8.74 -34.41
N LEU D 109 -7.08 7.47 -34.74
CA LEU D 109 -5.79 6.80 -34.81
C LEU D 109 -5.48 6.48 -36.26
N ILE D 110 -4.43 7.12 -36.78
CA ILE D 110 -3.95 6.83 -38.13
C ILE D 110 -3.11 5.56 -38.08
N VAL D 111 -3.52 4.53 -38.83
CA VAL D 111 -2.82 3.25 -38.82
C VAL D 111 -1.97 3.05 -40.07
N SER D 112 -2.29 3.73 -41.17
CA SER D 112 -1.46 3.74 -42.37
C SER D 112 -1.66 5.07 -43.07
N SER D 113 -1.05 5.22 -44.23
CA SER D 113 -1.32 6.40 -45.03
C SER D 113 -2.65 6.32 -45.77
N ASN D 114 -3.35 5.20 -45.66
CA ASN D 114 -4.63 5.01 -46.33
C ASN D 114 -5.81 4.85 -45.38
N GLU D 115 -5.56 4.60 -44.08
CA GLU D 115 -6.62 4.19 -43.18
C GLU D 115 -6.44 4.81 -41.80
N PHE D 116 -7.56 5.05 -41.14
CA PHE D 116 -7.58 5.47 -39.74
C PHE D 116 -8.74 4.78 -39.04
N LEU D 117 -8.67 4.75 -37.71
CA LEU D 117 -9.73 4.23 -36.87
C LEU D 117 -10.21 5.32 -35.93
N VAL D 118 -11.51 5.34 -35.66
CA VAL D 118 -12.08 6.21 -34.64
C VAL D 118 -12.37 5.36 -33.41
N VAL D 119 -11.73 5.69 -32.30
CA VAL D 119 -11.81 4.90 -31.08
C VAL D 119 -12.82 5.54 -30.14
N VAL D 120 -13.78 4.73 -29.68
CA VAL D 120 -14.85 5.18 -28.81
C VAL D 120 -14.93 4.23 -27.63
N LYS D 121 -15.60 4.67 -26.58
CA LYS D 121 -15.86 3.77 -25.47
C LYS D 121 -16.92 2.75 -25.89
N GLU D 122 -16.94 1.61 -25.17
CA GLU D 122 -17.60 0.42 -25.66
C GLU D 122 -19.05 0.67 -26.04
N LEU D 123 -19.78 1.43 -25.21
CA LEU D 123 -21.20 1.66 -25.49
C LEU D 123 -21.43 2.50 -26.74
N ASN D 124 -20.37 3.09 -27.29
CA ASN D 124 -20.47 3.91 -28.53
C ASN D 124 -20.00 3.10 -29.74
N ASP D 125 -19.74 1.81 -29.56
CA ASP D 125 -19.29 0.93 -30.67
C ASP D 125 -20.36 0.90 -31.75
N SER D 126 -19.95 0.88 -33.02
CA SER D 126 -20.92 0.96 -34.14
C SER D 126 -20.67 -0.09 -35.22
N THR D 127 -21.66 -0.29 -36.08
CA THR D 127 -21.52 -1.19 -37.26
C THR D 127 -20.57 -0.51 -38.24
N VAL D 128 -20.42 0.82 -38.14
CA VAL D 128 -19.53 1.58 -39.05
C VAL D 128 -18.17 0.91 -38.88
N ASP D 129 -17.54 0.57 -39.99
CA ASP D 129 -16.38 -0.33 -39.98
C ASP D 129 -15.18 0.28 -39.26
N ASN D 130 -14.98 1.60 -39.35
CA ASN D 130 -13.82 2.22 -38.74
C ASN D 130 -14.14 2.94 -37.44
N VAL D 131 -15.32 2.70 -36.88
CA VAL D 131 -15.68 3.18 -35.52
C VAL D 131 -15.67 1.91 -34.65
N VAL D 132 -14.71 1.80 -33.74
CA VAL D 132 -14.50 0.59 -32.97
C VAL D 132 -14.23 0.96 -31.51
N SER D 133 -14.48 0.00 -30.64
CA SER D 133 -14.15 0.18 -29.24
C SER D 133 -12.65 0.04 -29.02
N PHE D 134 -12.21 0.39 -27.81
CA PHE D 134 -10.79 0.37 -27.48
C PHE D 134 -10.19 -1.02 -27.70
N ASN D 135 -10.88 -2.06 -27.23
CA ASN D 135 -10.35 -3.41 -27.35
C ASN D 135 -10.34 -3.88 -28.80
N LYS D 136 -11.37 -3.53 -29.57
CA LYS D 136 -11.38 -3.91 -30.98
C LYS D 136 -10.29 -3.18 -31.75
N ALA D 137 -10.08 -1.90 -31.45
CA ALA D 137 -9.00 -1.15 -32.08
C ALA D 137 -7.65 -1.81 -31.82
N CYS D 138 -7.39 -2.17 -30.56
CA CYS D 138 -6.12 -2.80 -30.21
C CYS D 138 -6.01 -4.17 -30.88
N ALA D 139 -7.10 -4.93 -30.92
CA ALA D 139 -7.07 -6.23 -31.59
C ALA D 139 -6.77 -6.09 -33.08
N ILE D 140 -7.36 -5.08 -33.72
CA ILE D 140 -7.12 -4.85 -35.14
C ILE D 140 -5.65 -4.54 -35.39
N MET D 141 -5.08 -3.65 -34.57
CA MET D 141 -3.68 -3.29 -34.76
C MET D 141 -2.75 -4.43 -34.39
N SER D 142 -3.13 -5.26 -33.41
CA SER D 142 -2.31 -6.42 -33.07
C SER D 142 -2.28 -7.42 -34.21
N ALA D 143 -3.44 -7.71 -34.80
CA ALA D 143 -3.49 -8.61 -35.95
C ALA D 143 -2.63 -8.10 -37.10
N GLY D 144 -2.57 -6.78 -37.27
CA GLY D 144 -1.75 -6.23 -38.33
C GLY D 144 -0.26 -6.50 -38.13
N VAL D 145 0.18 -6.48 -36.87
CA VAL D 145 1.57 -6.85 -36.58
C VAL D 145 1.74 -8.36 -36.67
N LEU D 146 0.83 -9.11 -36.05
CA LEU D 146 0.97 -10.56 -35.92
C LEU D 146 0.94 -11.29 -37.26
N LYS D 147 0.32 -10.71 -38.29
CA LYS D 147 0.34 -11.32 -39.61
C LYS D 147 1.77 -11.47 -40.12
N HIS D 148 2.72 -10.71 -39.58
CA HIS D 148 4.12 -10.76 -39.97
C HIS D 148 5.01 -11.44 -38.93
N THR D 149 4.42 -12.07 -37.91
CA THR D 149 5.22 -12.79 -36.92
C THR D 149 4.71 -14.22 -36.71
N PHE D 150 3.41 -14.44 -36.91
CA PHE D 150 2.83 -15.77 -36.86
C PHE D 150 2.77 -16.35 -38.26
N ASP D 151 3.32 -17.56 -38.44
CA ASP D 151 3.37 -18.14 -39.78
C ASP D 151 2.00 -18.65 -40.23
N GLU D 152 1.14 -19.05 -39.29
CA GLU D 152 -0.11 -19.70 -39.62
C GLU D 152 -1.29 -19.05 -38.91
N GLU D 153 -2.46 -19.13 -39.55
CA GLU D 153 -3.71 -18.66 -38.99
C GLU D 153 -4.79 -19.70 -39.24
N PHE D 154 -5.92 -19.56 -38.56
CA PHE D 154 -6.96 -20.58 -38.55
C PHE D 154 -7.97 -20.35 -39.67
N ASP D 155 -8.36 -21.45 -40.33
CA ASP D 155 -9.47 -21.47 -41.28
C ASP D 155 -10.59 -22.27 -40.63
N TRP D 156 -11.69 -21.60 -40.29
CA TRP D 156 -12.81 -22.28 -39.67
C TRP D 156 -13.64 -23.08 -40.67
N LYS D 157 -13.53 -22.78 -41.97
CA LYS D 157 -14.15 -23.65 -42.97
C LYS D 157 -13.53 -25.04 -42.95
N LEU D 158 -12.21 -25.09 -42.81
CA LEU D 158 -11.46 -26.34 -42.88
C LEU D 158 -11.01 -26.83 -41.51
N SER D 159 -11.34 -26.10 -40.44
CA SER D 159 -11.08 -26.53 -39.07
C SER D 159 -9.60 -26.83 -38.83
N LYS D 160 -8.73 -26.01 -39.42
CA LYS D 160 -7.29 -26.22 -39.29
C LYS D 160 -6.57 -24.90 -39.48
N TYR D 161 -5.32 -24.88 -39.03
CA TYR D 161 -4.44 -23.74 -39.32
C TYR D 161 -3.92 -23.85 -40.75
N VAL D 162 -3.86 -22.71 -41.42
CA VAL D 162 -3.28 -22.60 -42.75
C VAL D 162 -2.18 -21.56 -42.70
N LYS D 163 -1.33 -21.56 -43.74
CA LYS D 163 -0.24 -20.61 -43.80
C LYS D 163 -0.75 -19.22 -44.16
N THR D 164 -0.24 -18.22 -43.45
CA THR D 164 -0.50 -16.82 -43.79
C THR D 164 0.40 -16.43 -44.95
N ASN D 165 -0.19 -15.95 -46.04
CA ASN D 165 0.58 -15.56 -47.21
C ASN D 165 0.78 -14.06 -47.22
N ASN D 166 2.04 -13.63 -47.15
CA ASN D 166 2.39 -12.21 -47.06
C ASN D 166 3.19 -11.82 -48.29
N THR D 167 2.59 -10.99 -49.14
CA THR D 167 3.31 -10.29 -50.18
C THR D 167 4.68 -9.83 -49.71
N THR D 168 4.72 -9.11 -48.60
CA THR D 168 5.89 -8.36 -48.19
C THR D 168 6.44 -8.91 -46.88
N LYS D 169 7.75 -9.11 -46.83
CA LYS D 169 8.42 -9.54 -45.61
C LYS D 169 8.65 -8.30 -44.75
N VAL D 170 8.01 -8.22 -43.59
CA VAL D 170 8.18 -7.09 -42.69
C VAL D 170 8.45 -7.59 -41.29
N ILE D 171 9.47 -7.01 -40.65
CA ILE D 171 9.81 -7.24 -39.26
C ILE D 171 9.35 -6.04 -38.45
N PRO D 172 8.54 -6.21 -37.40
CA PRO D 172 8.23 -5.09 -36.53
C PRO D 172 9.49 -4.51 -35.91
N ASP D 173 9.57 -3.17 -35.89
CA ASP D 173 10.70 -2.46 -35.31
C ASP D 173 10.96 -2.95 -33.90
N VAL D 174 12.11 -3.62 -33.69
CA VAL D 174 12.41 -4.24 -32.41
C VAL D 174 12.67 -3.24 -31.29
N LYS D 175 12.67 -1.95 -31.60
CA LYS D 175 12.97 -0.90 -30.58
C LYS D 175 11.67 -0.37 -29.97
N ILE D 176 10.53 -0.69 -30.57
CA ILE D 176 9.25 -0.34 -29.96
C ILE D 176 8.96 -1.34 -28.86
N ILE D 177 8.70 -0.84 -27.66
CA ILE D 177 8.63 -1.66 -26.46
C ILE D 177 7.17 -1.87 -26.06
N ASN D 178 6.84 -3.12 -25.73
CA ASN D 178 5.53 -3.47 -25.17
C ASN D 178 5.73 -3.71 -23.67
N ARG D 179 5.35 -2.72 -22.86
CA ARG D 179 5.51 -2.83 -21.42
C ARG D 179 4.75 -4.03 -20.87
N LEU D 180 3.59 -4.34 -21.46
CA LEU D 180 2.81 -5.49 -20.99
C LEU D 180 3.54 -6.80 -21.25
N ALA D 181 4.22 -6.91 -22.40
CA ALA D 181 4.92 -8.15 -22.72
C ALA D 181 6.18 -8.31 -21.89
N GLY D 182 6.80 -7.21 -21.45
CA GLY D 182 7.93 -7.31 -20.56
C GLY D 182 7.54 -7.84 -19.20
N GLN D 183 6.31 -7.59 -18.76
CA GLN D 183 5.86 -8.10 -17.47
C GLN D 183 5.79 -9.62 -17.46
N MET D 184 5.50 -10.22 -18.60
CA MET D 184 5.36 -11.66 -18.70
C MET D 184 6.67 -12.37 -19.01
N GLY D 185 7.76 -11.65 -19.22
CA GLY D 185 9.03 -12.25 -19.56
C GLY D 185 9.31 -12.36 -21.04
N LEU D 186 8.50 -11.72 -21.88
CA LEU D 186 8.79 -11.66 -23.31
C LEU D 186 9.71 -10.49 -23.61
N SER D 187 10.58 -10.67 -24.60
CA SER D 187 11.49 -9.64 -25.05
C SER D 187 11.16 -9.28 -26.49
N ALA D 188 11.44 -8.03 -26.85
CA ALA D 188 11.17 -7.56 -28.20
C ALA D 188 11.83 -8.48 -29.22
N GLY D 189 11.10 -8.78 -30.29
CA GLY D 189 11.50 -9.78 -31.25
C GLY D 189 10.79 -11.10 -31.12
N ASN D 190 10.28 -11.41 -29.93
CA ASN D 190 9.46 -12.59 -29.73
C ASN D 190 8.23 -12.50 -30.63
N PRO D 191 7.87 -13.58 -31.34
CA PRO D 191 6.68 -13.50 -32.22
C PRO D 191 5.39 -13.21 -31.48
N TYR D 192 5.31 -13.55 -30.19
CA TYR D 192 4.13 -13.28 -29.39
C TYR D 192 4.08 -11.86 -28.86
N TYR D 193 5.16 -11.07 -29.06
CA TYR D 193 5.35 -9.81 -28.36
C TYR D 193 4.13 -8.91 -28.42
N TRP D 194 3.60 -8.68 -29.62
CA TRP D 194 2.50 -7.75 -29.81
C TRP D 194 1.13 -8.42 -29.77
N MET D 195 1.07 -9.67 -29.31
CA MET D 195 -0.21 -10.26 -28.93
C MET D 195 -0.59 -9.90 -27.50
N ILE D 196 0.38 -9.47 -26.69
CA ILE D 196 0.14 -9.14 -25.29
C ILE D 196 -0.41 -7.73 -25.21
N VAL D 197 -1.68 -7.57 -25.54
CA VAL D 197 -2.30 -6.24 -25.67
C VAL D 197 -3.70 -6.28 -25.08
N PRO D 198 -4.33 -5.13 -24.81
CA PRO D 198 -5.74 -5.14 -24.42
C PRO D 198 -6.62 -5.66 -25.54
N GLY D 199 -7.67 -6.37 -25.15
CA GLY D 199 -8.58 -6.94 -26.13
C GLY D 199 -7.98 -8.04 -26.97
N TYR D 200 -6.91 -8.68 -26.51
CA TYR D 200 -6.31 -9.78 -27.23
C TYR D 200 -7.30 -10.90 -27.53
N GLU D 201 -8.37 -11.00 -26.73
CA GLU D 201 -9.30 -12.11 -26.88
C GLU D 201 -9.99 -12.11 -28.23
N PHE D 202 -10.14 -10.93 -28.85
CA PHE D 202 -10.71 -10.86 -30.18
C PHE D 202 -9.86 -11.60 -31.21
N LEU D 203 -8.57 -11.80 -30.93
CA LEU D 203 -7.69 -12.52 -31.84
C LEU D 203 -8.00 -14.01 -31.91
N TYR D 204 -8.89 -14.52 -31.06
CA TYR D 204 -9.18 -15.95 -31.04
C TYR D 204 -9.64 -16.46 -32.42
N GLU D 205 -10.31 -15.61 -33.19
CA GLU D 205 -10.79 -16.03 -34.50
C GLU D 205 -9.67 -16.21 -35.51
N LEU D 206 -8.46 -15.70 -35.22
CA LEU D 206 -7.30 -15.92 -36.06
C LEU D 206 -6.28 -16.87 -35.45
N TYR D 207 -6.05 -16.77 -34.15
CA TYR D 207 -5.01 -17.55 -33.45
C TYR D 207 -5.61 -18.20 -32.21
N PRO D 208 -6.55 -19.13 -32.39
CA PRO D 208 -7.29 -19.65 -31.21
C PRO D 208 -6.40 -20.34 -30.19
N ALA D 209 -5.50 -21.22 -30.61
CA ALA D 209 -4.65 -21.93 -29.66
C ALA D 209 -3.70 -20.99 -28.96
N GLU D 210 -3.22 -19.95 -29.66
CA GLU D 210 -2.30 -18.99 -29.03
C GLU D 210 -3.02 -18.08 -28.06
N VAL D 211 -4.24 -17.64 -28.42
CA VAL D 211 -5.02 -16.78 -27.53
C VAL D 211 -5.42 -17.55 -26.27
N LEU D 212 -5.87 -18.79 -26.44
CA LEU D 212 -6.24 -19.61 -25.28
C LEU D 212 -5.06 -19.86 -24.37
N ALA D 213 -3.89 -20.15 -24.96
CA ALA D 213 -2.70 -20.43 -24.15
C ALA D 213 -2.32 -19.23 -23.28
N TYR D 214 -2.44 -18.02 -23.83
CA TYR D 214 -2.17 -16.82 -23.05
C TYR D 214 -3.20 -16.67 -21.93
N THR D 215 -4.46 -16.97 -22.21
CA THR D 215 -5.48 -16.94 -21.17
C THR D 215 -5.17 -17.95 -20.06
N LEU D 216 -4.74 -19.16 -20.45
CA LEU D 216 -4.30 -20.14 -19.46
C LEU D 216 -3.15 -19.60 -18.61
N VAL D 217 -2.21 -18.90 -19.25
CA VAL D 217 -1.08 -18.33 -18.52
C VAL D 217 -1.55 -17.24 -17.56
N ARG D 218 -2.48 -16.40 -18.01
CA ARG D 218 -3.04 -15.37 -17.13
C ARG D 218 -3.74 -15.99 -15.94
N LEU D 219 -4.43 -17.10 -16.13
CA LEU D 219 -5.12 -17.80 -15.02
C LEU D 219 -4.09 -18.39 -14.03
N GLN D 220 -3.13 -19.16 -14.52
CA GLN D 220 -2.14 -19.81 -13.63
C GLN D 220 -1.19 -18.82 -12.97
N TYR D 221 -0.69 -17.82 -13.68
CA TYR D 221 0.36 -16.92 -13.16
C TYR D 221 -0.18 -15.52 -12.92
N ARG D 222 -1.40 -15.41 -12.41
CA ARG D 222 -2.08 -14.12 -12.21
C ARG D 222 -1.24 -13.21 -11.32
N LYS D 223 -0.71 -13.74 -10.22
CA LYS D 223 0.09 -12.94 -9.26
C LYS D 223 1.41 -12.48 -9.90
N ASN D 224 2.05 -13.36 -10.67
CA ASN D 224 3.32 -13.01 -11.36
C ASN D 224 3.09 -11.88 -12.36
N LEU D 225 1.93 -11.87 -12.99
CA LEU D 225 1.59 -10.82 -13.97
C LEU D 225 1.00 -9.62 -13.24
N ASN D 226 0.99 -9.67 -11.90
CA ASN D 226 0.45 -8.57 -11.09
C ASN D 226 -0.93 -8.16 -11.58
N ILE D 227 -1.74 -9.17 -11.92
CA ILE D 227 -3.17 -8.97 -12.16
C ILE D 227 -3.82 -8.52 -10.86
N PRO D 228 -4.64 -7.47 -10.86
CA PRO D 228 -5.23 -6.99 -9.61
C PRO D 228 -6.09 -8.07 -8.95
N ASP D 229 -5.92 -8.23 -7.64
CA ASP D 229 -6.73 -9.22 -6.94
C ASP D 229 -8.18 -8.81 -6.80
N SER D 230 -8.55 -7.61 -7.24
CA SER D 230 -9.95 -7.25 -7.36
C SER D 230 -10.67 -8.06 -8.44
N MET D 231 -9.92 -8.78 -9.26
CA MET D 231 -10.48 -9.56 -10.36
C MET D 231 -10.62 -11.01 -9.94
N THR D 232 -11.81 -11.57 -10.15
CA THR D 232 -12.01 -12.99 -9.93
C THR D 232 -11.39 -13.79 -11.07
N ASP D 233 -11.25 -15.11 -10.84
CA ASP D 233 -10.79 -15.98 -11.91
C ASP D 233 -11.76 -15.96 -13.09
N ALA D 234 -13.06 -15.77 -12.82
CA ALA D 234 -14.03 -15.66 -13.89
C ALA D 234 -13.83 -14.39 -14.70
N ASP D 235 -13.46 -13.29 -14.03
CA ASP D 235 -13.14 -12.06 -14.73
C ASP D 235 -12.03 -12.28 -15.75
N ILE D 236 -11.08 -13.18 -15.44
CA ILE D 236 -9.92 -13.37 -16.29
C ILE D 236 -10.29 -14.07 -17.59
N VAL D 237 -11.25 -15.00 -17.54
CA VAL D 237 -11.58 -15.82 -18.72
C VAL D 237 -12.87 -15.38 -19.40
N SER D 238 -13.64 -14.47 -18.81
CA SER D 238 -14.98 -14.18 -19.30
C SER D 238 -14.98 -13.75 -20.76
N SER D 239 -14.07 -12.84 -21.12
CA SER D 239 -14.04 -12.33 -22.49
C SER D 239 -13.76 -13.45 -23.49
N LEU D 240 -12.77 -14.30 -23.19
CA LEU D 240 -12.45 -15.40 -24.09
C LEU D 240 -13.63 -16.34 -24.25
N VAL D 241 -14.29 -16.68 -23.14
CA VAL D 241 -15.41 -17.62 -23.19
C VAL D 241 -16.53 -17.07 -24.06
N MET D 242 -16.79 -15.76 -23.97
CA MET D 242 -17.82 -15.15 -24.80
C MET D 242 -17.49 -15.31 -26.29
N LYS D 243 -16.23 -15.13 -26.66
CA LYS D 243 -15.83 -15.30 -28.05
C LYS D 243 -15.87 -16.78 -28.45
N MET D 244 -15.44 -17.66 -27.56
CA MET D 244 -15.56 -19.09 -27.83
C MET D 244 -17.01 -19.50 -27.96
N ASN D 245 -17.90 -18.86 -27.19
CA ASN D 245 -19.31 -19.22 -27.24
C ASN D 245 -19.95 -18.83 -28.56
N ARG D 246 -19.63 -17.66 -29.11
CA ARG D 246 -20.21 -17.23 -30.40
C ARG D 246 -19.77 -18.17 -31.51
N ILE D 247 -18.47 -18.45 -31.62
CA ILE D 247 -17.91 -19.37 -32.66
C ILE D 247 -18.28 -20.85 -32.46
N HIS D 248 -18.08 -21.40 -31.27
CA HIS D 248 -18.27 -22.86 -31.11
C HIS D 248 -19.71 -23.22 -30.76
N LYS D 249 -20.53 -22.26 -30.37
CA LYS D 249 -21.92 -22.54 -29.90
C LYS D 249 -21.86 -23.48 -28.70
N LEU D 250 -21.27 -23.03 -27.59
CA LEU D 250 -21.04 -23.91 -26.40
C LEU D 250 -22.34 -24.31 -25.69
N GLU D 251 -23.50 -23.84 -26.13
CA GLU D 251 -24.77 -24.32 -25.54
C GLU D 251 -25.17 -25.63 -26.23
N GLN D 252 -24.59 -25.92 -27.39
CA GLN D 252 -24.88 -27.19 -28.10
C GLN D 252 -23.53 -27.89 -28.37
N THR D 253 -22.44 -27.31 -27.86
CA THR D 253 -21.08 -27.86 -28.11
C THR D 253 -20.35 -27.95 -26.77
N SER D 254 -19.46 -28.92 -26.64
CA SER D 254 -18.71 -29.11 -25.39
C SER D 254 -17.36 -28.41 -25.48
N PHE D 255 -16.79 -28.04 -24.35
CA PHE D 255 -15.45 -27.47 -24.35
C PHE D 255 -14.45 -28.43 -24.97
N ASP D 256 -14.65 -29.74 -24.73
CA ASP D 256 -13.74 -30.74 -25.29
C ASP D 256 -13.83 -30.79 -26.81
N GLU D 257 -15.05 -30.67 -27.35
CA GLU D 257 -15.20 -30.62 -28.81
C GLU D 257 -14.52 -29.39 -29.38
N ALA D 258 -14.70 -28.24 -28.74
CA ALA D 258 -14.04 -27.02 -29.19
C ALA D 258 -12.53 -27.15 -29.10
N LEU D 259 -12.02 -27.73 -28.00
CA LEU D 259 -10.58 -27.82 -27.79
C LEU D 259 -9.91 -28.82 -28.73
N ASN D 260 -10.65 -29.80 -29.25
CA ASN D 260 -10.07 -30.73 -30.21
C ASN D 260 -10.24 -30.27 -31.64
N LEU D 261 -11.17 -29.35 -31.91
CA LEU D 261 -11.25 -28.73 -33.22
C LEU D 261 -10.06 -27.81 -33.47
N ILE D 262 -9.66 -27.02 -32.47
CA ILE D 262 -8.49 -26.18 -32.64
C ILE D 262 -7.21 -26.97 -32.37
N GLY D 263 -7.29 -28.03 -31.58
CA GLY D 263 -6.14 -28.88 -31.36
C GLY D 263 -5.45 -28.66 -30.02
N LYS D 264 -5.57 -29.64 -29.12
CA LYS D 264 -4.94 -29.52 -27.81
C LYS D 264 -3.43 -29.53 -27.91
N ASP D 265 -2.87 -30.21 -28.92
CA ASP D 265 -1.44 -30.15 -29.17
C ASP D 265 -0.99 -28.71 -29.46
N ASN D 266 -1.77 -27.98 -30.26
CA ASN D 266 -1.43 -26.61 -30.59
C ASN D 266 -1.46 -25.72 -29.35
N VAL D 267 -2.52 -25.83 -28.55
CA VAL D 267 -2.62 -25.08 -27.30
C VAL D 267 -1.43 -25.38 -26.40
N SER D 268 -0.99 -26.64 -26.41
CA SER D 268 0.10 -27.08 -25.54
C SER D 268 1.43 -26.49 -26.02
N GLU D 269 1.71 -26.59 -27.31
CA GLU D 269 2.87 -25.91 -27.90
C GLU D 269 2.94 -24.46 -27.45
N ALA D 270 1.82 -23.73 -27.56
CA ALA D 270 1.85 -22.30 -27.26
C ALA D 270 1.95 -22.05 -25.75
N TYR D 271 1.28 -22.89 -24.95
CA TYR D 271 1.37 -22.74 -23.50
C TYR D 271 2.81 -22.88 -23.02
N VAL D 272 3.53 -23.87 -23.53
CA VAL D 272 4.91 -24.09 -23.12
C VAL D 272 5.77 -22.88 -23.47
N GLU D 273 5.57 -22.33 -24.67
CA GLU D 273 6.35 -21.17 -25.10
C GLU D 273 6.10 -19.97 -24.18
N LEU D 274 4.82 -19.68 -23.90
CA LEU D 274 4.49 -18.50 -23.11
C LEU D 274 4.76 -18.71 -21.63
N ALA D 275 4.64 -19.94 -21.13
CA ALA D 275 4.86 -20.19 -19.72
C ALA D 275 6.35 -20.30 -19.38
N ARG D 276 7.19 -20.60 -20.38
CA ARG D 276 8.61 -20.85 -20.18
C ARG D 276 9.27 -19.84 -19.26
N ASP D 277 9.24 -18.56 -19.66
CA ASP D 277 10.09 -17.57 -19.03
C ASP D 277 9.44 -16.87 -17.83
N ILE D 278 8.15 -17.09 -17.58
CA ILE D 278 7.55 -16.61 -16.32
C ILE D 278 8.26 -17.26 -15.14
N GLY D 279 8.46 -18.58 -15.22
CA GLY D 279 9.16 -19.31 -14.19
C GLY D 279 10.54 -18.76 -13.92
N SER D 280 11.36 -18.67 -14.97
CA SER D 280 12.70 -18.12 -14.84
C SER D 280 12.72 -16.64 -14.49
N THR D 281 11.56 -15.98 -14.46
CA THR D 281 11.44 -14.56 -14.20
C THR D 281 10.99 -14.26 -12.77
N SER D 282 10.52 -15.27 -12.03
CA SER D 282 9.89 -15.04 -10.74
C SER D 282 10.87 -14.43 -9.74
N LYS D 283 10.56 -13.21 -9.30
CA LYS D 283 11.29 -12.61 -8.19
C LYS D 283 11.19 -13.47 -6.94
N THR D 284 10.00 -14.01 -6.66
CA THR D 284 9.77 -14.72 -5.41
C THR D 284 10.49 -16.06 -5.36
N LYS D 285 10.62 -16.74 -6.50
CA LYS D 285 11.34 -18.02 -6.49
C LYS D 285 12.84 -17.80 -6.34
N ARG D 286 13.38 -16.78 -7.01
CA ARG D 286 14.79 -16.44 -6.85
C ARG D 286 15.11 -16.16 -5.39
N ASN D 287 14.26 -15.40 -4.71
CA ASN D 287 14.50 -15.07 -3.31
C ASN D 287 14.40 -16.32 -2.43
N ASP D 288 13.48 -17.22 -2.74
CA ASP D 288 13.33 -18.44 -1.95
C ASP D 288 14.52 -19.37 -2.15
N GLU D 289 14.92 -19.57 -3.40
CA GLU D 289 16.15 -20.32 -3.69
C GLU D 289 17.33 -19.73 -2.93
N ALA D 290 17.46 -18.41 -2.98
CA ALA D 290 18.58 -17.74 -2.34
C ALA D 290 18.61 -18.03 -0.85
N ILE D 291 17.45 -17.97 -0.19
CA ILE D 291 17.40 -18.18 1.26
C ILE D 291 17.88 -19.59 1.61
N LEU D 292 17.51 -20.59 0.81
CA LEU D 292 17.95 -21.95 1.10
C LEU D 292 19.44 -22.11 0.81
N LYS D 293 19.89 -21.65 -0.37
CA LYS D 293 21.31 -21.70 -0.67
C LYS D 293 22.13 -20.96 0.36
N PHE D 294 21.65 -19.79 0.80
CA PHE D 294 22.39 -19.00 1.78
C PHE D 294 22.53 -19.75 3.10
N ARG D 295 21.47 -20.45 3.52
CA ARG D 295 21.55 -21.22 4.76
C ARG D 295 22.45 -22.44 4.60
N GLU D 296 22.49 -23.03 3.40
CA GLU D 296 23.45 -24.10 3.12
C GLU D 296 24.88 -23.60 3.28
N LEU D 297 25.15 -22.39 2.76
CA LEU D 297 26.46 -21.77 2.95
C LEU D 297 26.78 -21.59 4.43
N ILE D 298 25.80 -21.14 5.21
CA ILE D 298 26.04 -20.90 6.64
C ILE D 298 26.41 -22.20 7.35
N ALA D 299 25.74 -23.29 6.97
CA ALA D 299 26.12 -24.59 7.53
C ALA D 299 27.53 -24.98 7.10
N SER D 300 27.89 -24.69 5.85
CA SER D 300 29.25 -24.95 5.38
C SER D 300 30.28 -24.34 6.32
N PHE D 301 30.02 -23.13 6.82
CA PHE D 301 31.02 -22.32 7.48
C PHE D 301 31.14 -22.61 8.98
N LEU D 302 30.24 -23.43 9.54
CA LEU D 302 30.27 -23.68 10.98
C LEU D 302 31.60 -24.26 11.47
N PRO D 303 32.23 -25.23 10.79
CA PRO D 303 33.59 -25.63 11.21
C PRO D 303 34.56 -24.46 11.29
N ALA D 304 34.61 -23.61 10.26
CA ALA D 304 35.51 -22.46 10.29
C ALA D 304 35.18 -21.50 11.42
N LEU D 305 33.88 -21.35 11.72
CA LEU D 305 33.47 -20.46 12.80
C LEU D 305 33.89 -21.01 14.15
N GLU D 306 33.70 -22.32 14.37
CA GLU D 306 34.15 -22.93 15.62
C GLU D 306 35.67 -22.85 15.73
N ALA D 307 36.38 -23.16 14.65
CA ALA D 307 37.84 -23.04 14.66
C ALA D 307 38.29 -21.62 15.00
N ASP D 308 37.54 -20.62 14.52
CA ASP D 308 37.87 -19.24 14.85
C ASP D 308 37.59 -18.94 16.32
N ARG D 309 36.50 -19.49 16.86
CA ARG D 309 36.18 -19.26 18.27
C ARG D 309 37.29 -19.73 19.19
N ILE D 310 37.93 -20.86 18.85
CA ILE D 310 39.00 -21.38 19.70
C ILE D 310 40.21 -20.47 19.65
N ALA D 311 40.51 -19.91 18.47
CA ALA D 311 41.55 -18.91 18.35
C ALA D 311 40.96 -17.51 18.55
#